data_4KF7
#
_entry.id   4KF7
#
_cell.length_a   169.028
_cell.length_b   94.773
_cell.length_c   91.635
_cell.angle_alpha   90.00
_cell.angle_beta   98.94
_cell.angle_gamma   90.00
#
_symmetry.space_group_name_H-M   'C 1 2 1'
#
loop_
_entity.id
_entity.type
_entity.pdbx_description
1 polymer Nup188
2 water water
#
_entity_poly.entity_id   1
_entity_poly.type   'polypeptide(L)'
_entity_poly.pdbx_seq_one_letter_code
;MATLTDRSYFPPLGECLSGNKIILSWRLVATALEDLACDRLRSAAVSAFLRDGYVHQLLREPTKTFAPPTNETKLDFETK
TGAINVVPSPNDPYNLDTIKDDARWLSRNVNINEVAALRVVIIEYQSRAHSHLTGPLSTQDVANVQEAAGVGDAQASAIV
ALLNVTTVADADSAWADFESETTRRRRLLATYLSERRSFLAAVDALLAFLLHSRAPGTGVELDPLRNAVLQGAFGFDQNA
AKPDTTQLDALAPTYIRTLEGCFDRMQMAPESLDNQMLTEQFEVDWIRTALTEAIHAMSLIFQILDLKASQFAAPALVTQ
WFALMDTCEFFEPVPRGHELIAELLMPLHSLVAAISLKLLNVDRTLSYLDQDVDLLEEEEPYLASSDNLAQMHTTIAAAA
SAGLISTMPVVFAWSLILHQMHVGYQERAERRDLLQNQRAQAGFELEYEPSGRQRRNSAGSIVSIEASSYDVFLVSQQLE
RNIEPAENMARIATGRGQVYELMADMAVCLGSGQLAAFRPVLGARARLTFQDLLKRSAHYVGYQAEPVSCLLSILSGGSQ
YWDISAEAPSNEKSALDIYTRMLSDDTLNVQYASQSRNRFPYEFLPFASMCRILSAALVSDNESSELITGLLVKNPSLTL
NWDPRWDRSYELVFEEENTNSFRLTKDIDLFDAASKSNRRILPEEKCTISRGTFGRFVTDVGRVAKLEFEHSTLALFGKR
LEVNLMAGAYDTALGYLSADELIEGISLLATVLRAETLRSSKTDPDRGLRILTEASRLLSRGRDIMNVVCDTLDSLVEEE
LADLDGPKTAALSSCLQFLHAALPVCPGRVWAYMARCPLINTDTRSGRLSRITANLDMLAERYDLLLSAVKLFSSLVDSA
KTSAVQRRSGISVNSRAKGEENPWIGASDKIVSRVTLSIAQTSVDVFENSATWRFPSEVDRSVMIRDVVGIMHKLMLYTH
SVGSTDTPRSLTGPLAPAADYVVESFLSSSSSSLRFQPLLATLLAAFQLPDTTIYQRRAQIVSERLTTVLEFATILLRVA
DYLNKASAGIQTQLFKSACVIARLPAIRHSFRIPAISLLSALVESAGKSSGEPPSLLGYLGPQVSRSFIQIAAQLDKPFD
RVAEVASTWRFFSTILRNRQQWMANCLLTGKTPREALKGE
;
_entity_poly.pdbx_strand_id   A
#
# COMPACT_ATOMS: atom_id res chain seq x y z
N MET A 1 43.84 8.22 13.26
CA MET A 1 43.99 6.77 13.18
C MET A 1 42.68 6.05 13.50
N ALA A 2 42.45 5.80 14.79
CA ALA A 2 41.30 5.03 15.24
C ALA A 2 39.99 5.83 15.22
N THR A 3 40.03 7.05 15.74
CA THR A 3 38.82 7.87 15.85
C THR A 3 38.25 8.22 14.47
N LEU A 4 37.04 7.75 14.20
CA LEU A 4 36.37 8.00 12.93
C LEU A 4 36.03 9.48 12.77
N THR A 5 36.50 10.06 11.67
CA THR A 5 36.37 11.49 11.45
C THR A 5 34.95 11.92 11.08
N ASP A 6 34.68 13.21 11.30
CA ASP A 6 33.36 13.79 11.11
C ASP A 6 33.25 14.47 9.73
N ARG A 7 34.40 14.64 9.07
CA ARG A 7 34.50 15.47 7.87
C ARG A 7 33.67 15.05 6.65
N SER A 8 33.49 13.75 6.44
CA SER A 8 32.70 13.29 5.29
C SER A 8 31.20 13.48 5.50
N TYR A 9 30.76 13.30 6.75
CA TYR A 9 29.37 13.47 7.14
C TYR A 9 29.07 14.96 7.31
N PHE A 10 30.10 15.69 7.71
CA PHE A 10 29.98 17.14 7.90
C PHE A 10 31.22 17.80 7.32
N PRO A 11 31.14 18.21 6.05
CA PRO A 11 32.22 18.88 5.31
C PRO A 11 32.67 20.16 6.00
N PRO A 12 33.93 20.57 5.78
CA PRO A 12 34.47 21.81 6.33
C PRO A 12 33.53 22.98 6.04
N LEU A 13 33.23 23.77 7.07
CA LEU A 13 32.25 24.84 6.99
C LEU A 13 32.40 25.72 5.74
N GLY A 14 33.64 26.01 5.36
CA GLY A 14 33.92 26.85 4.21
C GLY A 14 33.35 26.30 2.92
N GLU A 15 33.52 25.00 2.70
CA GLU A 15 33.03 24.36 1.48
C GLU A 15 31.50 24.23 1.46
N CYS A 16 30.87 24.40 2.62
CA CYS A 16 29.42 24.33 2.71
C CYS A 16 28.79 25.69 2.41
N LEU A 17 29.27 26.72 3.10
CA LEU A 17 28.76 28.08 2.94
C LEU A 17 28.98 28.61 1.52
N SER A 18 30.06 28.18 0.89
CA SER A 18 30.36 28.59 -0.48
C SER A 18 29.34 28.01 -1.45
N GLY A 19 29.03 26.72 -1.28
CA GLY A 19 28.12 26.03 -2.16
C GLY A 19 28.79 24.88 -2.88
N ASN A 20 30.11 24.76 -2.69
CA ASN A 20 30.89 23.66 -3.24
C ASN A 20 30.31 22.32 -2.79
N LYS A 21 30.25 22.14 -1.48
CA LYS A 21 29.69 20.93 -0.88
C LYS A 21 28.28 21.18 -0.36
N ILE A 22 27.33 20.44 -0.91
CA ILE A 22 25.97 20.46 -0.39
C ILE A 22 25.79 19.31 0.59
N ILE A 23 25.56 19.65 1.86
CA ILE A 23 25.45 18.65 2.93
C ILE A 23 24.34 17.65 2.69
N LEU A 24 24.69 16.37 2.67
CA LEU A 24 23.71 15.30 2.57
C LEU A 24 22.89 15.21 3.85
N SER A 25 21.80 15.95 3.90
CA SER A 25 20.93 15.94 5.07
C SER A 25 20.22 14.59 5.13
N TRP A 26 19.72 14.23 6.31
CA TRP A 26 19.00 12.97 6.47
C TRP A 26 17.76 12.94 5.60
N ARG A 27 17.19 14.10 5.32
CA ARG A 27 16.02 14.20 4.46
C ARG A 27 16.33 13.68 3.06
N LEU A 28 17.44 14.16 2.50
CA LEU A 28 17.88 13.71 1.18
C LEU A 28 18.25 12.22 1.21
N VAL A 29 19.00 11.81 2.22
CA VAL A 29 19.35 10.40 2.41
C VAL A 29 18.10 9.53 2.45
N ALA A 30 17.09 10.01 3.18
CA ALA A 30 15.82 9.30 3.27
C ALA A 30 15.16 9.18 1.91
N THR A 31 15.13 10.29 1.18
CA THR A 31 14.51 10.29 -0.14
C THR A 31 15.27 9.38 -1.09
N ALA A 32 16.59 9.33 -0.96
CA ALA A 32 17.41 8.48 -1.80
C ALA A 32 17.15 7.00 -1.53
N LEU A 33 16.50 6.70 -0.40
CA LEU A 33 16.23 5.33 -0.02
C LEU A 33 14.74 4.99 -0.08
N GLU A 34 13.94 5.90 -0.65
CA GLU A 34 12.50 5.69 -0.74
C GLU A 34 12.14 4.44 -1.54
N ASP A 35 10.92 3.94 -1.34
CA ASP A 35 10.47 2.68 -1.92
C ASP A 35 10.74 2.52 -3.41
N LEU A 36 10.62 3.60 -4.17
CA LEU A 36 10.93 3.58 -5.59
C LEU A 36 12.44 3.67 -5.78
N ALA A 37 13.08 4.53 -4.99
CA ALA A 37 14.46 4.97 -5.21
C ALA A 37 15.45 3.87 -5.61
N CYS A 38 16.30 4.20 -6.58
CA CYS A 38 17.23 3.26 -7.16
C CYS A 38 18.43 4.01 -7.74
N ASP A 39 18.15 4.92 -8.68
CA ASP A 39 19.19 5.73 -9.32
C ASP A 39 19.92 6.61 -8.31
N ARG A 40 19.16 7.21 -7.40
CA ARG A 40 19.73 8.08 -6.36
C ARG A 40 20.67 7.33 -5.44
N LEU A 41 20.36 6.06 -5.20
CA LEU A 41 21.15 5.25 -4.30
C LEU A 41 22.52 4.92 -4.89
N ARG A 42 22.65 5.10 -6.20
CA ARG A 42 23.88 4.83 -6.90
C ARG A 42 24.90 5.96 -6.80
N SER A 43 24.41 7.19 -6.72
CA SER A 43 25.27 8.39 -6.74
C SER A 43 26.43 8.32 -5.75
N ALA A 44 27.56 8.89 -6.17
CA ALA A 44 28.79 8.86 -5.36
C ALA A 44 28.59 9.45 -3.97
N ALA A 45 27.82 10.54 -3.89
CA ALA A 45 27.55 11.20 -2.62
C ALA A 45 26.91 10.26 -1.62
N VAL A 46 25.85 9.59 -2.03
CA VAL A 46 25.12 8.68 -1.16
C VAL A 46 25.95 7.43 -0.86
N SER A 47 26.63 6.91 -1.88
CA SER A 47 27.48 5.75 -1.72
C SER A 47 28.55 6.02 -0.68
N ALA A 48 29.19 7.19 -0.78
CA ALA A 48 30.21 7.60 0.17
C ALA A 48 29.63 7.75 1.57
N PHE A 49 28.44 8.33 1.65
CA PHE A 49 27.78 8.58 2.91
C PHE A 49 27.47 7.27 3.64
N LEU A 50 26.92 6.29 2.93
CA LEU A 50 26.56 5.02 3.55
C LEU A 50 27.78 4.17 3.90
N ARG A 51 28.88 4.40 3.19
CA ARG A 51 30.10 3.65 3.41
C ARG A 51 31.00 4.31 4.46
N ASP A 52 30.53 5.43 5.02
CA ASP A 52 31.30 6.15 6.02
C ASP A 52 31.26 5.46 7.39
N GLY A 53 32.44 5.22 7.96
CA GLY A 53 32.55 4.60 9.27
C GLY A 53 31.93 5.42 10.37
N TYR A 54 31.94 6.74 10.20
CA TYR A 54 31.31 7.63 11.15
C TYR A 54 29.78 7.45 11.14
N VAL A 55 29.21 7.36 9.94
CA VAL A 55 27.77 7.15 9.81
C VAL A 55 27.36 5.82 10.44
N HIS A 56 28.23 4.81 10.29
CA HIS A 56 27.99 3.50 10.85
C HIS A 56 27.81 3.53 12.37
N GLN A 57 28.51 4.46 13.02
CA GLN A 57 28.38 4.61 14.47
C GLN A 57 27.01 5.16 14.86
N LEU A 58 26.49 6.05 14.04
CA LEU A 58 25.16 6.62 14.29
C LEU A 58 24.08 5.56 14.05
N LEU A 59 24.31 4.68 13.07
CA LEU A 59 23.37 3.60 12.79
C LEU A 59 23.23 2.63 13.96
N ARG A 60 24.36 2.29 14.59
CA ARG A 60 24.35 1.36 15.71
C ARG A 60 23.88 2.04 16.99
N GLU A 61 24.28 3.30 17.18
CA GLU A 61 23.87 4.05 18.35
C GLU A 61 23.22 5.36 17.96
N PRO A 62 21.91 5.33 17.68
CA PRO A 62 21.15 6.49 17.20
C PRO A 62 21.09 7.66 18.18
N THR A 63 21.36 7.42 19.46
CA THR A 63 21.37 8.49 20.44
C THR A 63 22.52 9.47 20.18
N LYS A 64 23.52 9.02 19.44
CA LYS A 64 24.65 9.87 19.07
C LYS A 64 24.27 11.05 18.18
N THR A 65 23.41 10.77 17.19
CA THR A 65 23.08 11.70 16.11
C THR A 65 22.71 13.13 16.54
N PHE A 66 21.77 13.25 17.47
CA PHE A 66 21.42 14.55 18.03
C PHE A 66 21.65 14.51 19.53
N ALA A 67 22.80 13.98 19.91
CA ALA A 67 23.18 13.83 21.32
C ALA A 67 23.23 15.17 22.06
N PRO A 68 22.91 15.15 23.37
CA PRO A 68 22.94 16.33 24.23
C PRO A 68 24.30 17.04 24.20
N PRO A 69 24.32 18.35 24.48
CA PRO A 69 25.58 19.11 24.42
C PRO A 69 26.57 18.69 25.51
N THR A 70 27.85 18.73 25.15
CA THR A 70 28.93 18.48 26.09
C THR A 70 30.07 19.46 25.81
N ASN A 71 31.06 19.47 26.68
CA ASN A 71 32.22 20.31 26.46
C ASN A 71 33.11 19.77 25.35
N GLU A 72 32.95 18.48 25.06
CA GLU A 72 33.68 17.86 23.96
C GLU A 72 33.16 18.38 22.62
N THR A 73 31.85 18.60 22.54
CA THR A 73 31.23 19.09 21.30
C THR A 73 31.27 20.60 21.21
N LYS A 74 31.29 21.27 22.36
CA LYS A 74 31.42 22.72 22.38
C LYS A 74 32.78 23.08 21.80
N LEU A 75 33.78 22.28 22.15
CA LEU A 75 35.13 22.44 21.65
C LEU A 75 35.18 22.25 20.13
N ASP A 76 34.59 21.15 19.67
CA ASP A 76 34.58 20.87 18.23
C ASP A 76 33.82 21.94 17.43
N PHE A 77 32.80 22.51 18.06
CA PHE A 77 32.01 23.57 17.44
C PHE A 77 32.83 24.84 17.21
N GLU A 78 33.77 25.11 18.11
CA GLU A 78 34.64 26.26 17.96
C GLU A 78 35.70 25.99 16.91
N THR A 79 36.27 24.79 16.96
CA THR A 79 37.25 24.36 15.97
C THR A 79 36.66 24.30 14.56
N LYS A 80 35.44 23.75 14.46
CA LYS A 80 34.76 23.57 13.18
C LYS A 80 34.57 24.90 12.44
N THR A 81 34.66 25.99 13.19
CA THR A 81 34.35 27.32 12.66
C THR A 81 35.45 28.34 12.96
N GLY A 82 36.62 27.84 13.33
CA GLY A 82 37.79 28.69 13.53
C GLY A 82 38.71 28.59 12.32
N ALA A 83 38.31 27.76 11.36
CA ALA A 83 39.10 27.52 10.16
C ALA A 83 39.03 28.69 9.19
N ILE A 84 37.84 29.29 9.09
CA ILE A 84 37.60 30.37 8.14
C ILE A 84 38.44 31.60 8.45
N ASP A 92 32.11 37.52 0.71
CA ASP A 92 30.95 38.25 1.19
C ASP A 92 30.33 37.59 2.41
N PRO A 93 29.93 38.40 3.40
CA PRO A 93 29.37 37.85 4.64
C PRO A 93 28.04 37.13 4.44
N TYR A 94 28.04 35.83 4.72
CA TYR A 94 26.80 35.08 4.89
C TYR A 94 26.40 35.28 6.33
N ASN A 95 27.15 36.16 6.99
CA ASN A 95 27.07 36.41 8.42
C ASN A 95 27.38 35.16 9.24
N LEU A 96 28.67 34.84 9.31
CA LEU A 96 29.19 33.76 10.14
C LEU A 96 28.66 33.90 11.57
N ASP A 97 28.51 35.14 12.02
CA ASP A 97 28.02 35.39 13.37
C ASP A 97 26.52 35.12 13.54
N THR A 98 25.73 35.37 12.50
CA THR A 98 24.31 35.03 12.52
C THR A 98 24.14 33.50 12.57
N ILE A 99 24.92 32.81 11.75
CA ILE A 99 24.94 31.36 11.72
C ILE A 99 25.39 30.78 13.05
N LYS A 100 26.44 31.37 13.63
CA LYS A 100 26.92 30.97 14.94
C LYS A 100 25.88 31.23 16.02
N ASP A 101 25.21 32.37 15.93
CA ASP A 101 24.17 32.74 16.89
C ASP A 101 23.04 31.72 16.85
N ASP A 102 22.62 31.36 15.64
CA ASP A 102 21.54 30.40 15.45
C ASP A 102 21.87 29.00 15.97
N ALA A 103 23.06 28.50 15.62
CA ALA A 103 23.51 27.17 16.06
C ALA A 103 23.51 27.06 17.59
N ARG A 104 23.99 28.12 18.25
CA ARG A 104 23.99 28.14 19.71
C ARG A 104 22.59 28.33 20.29
N TRP A 105 21.74 29.05 19.57
CA TRP A 105 20.33 29.18 19.95
C TRP A 105 19.61 27.83 19.84
N LEU A 106 19.77 27.17 18.69
CA LEU A 106 19.12 25.89 18.45
C LEU A 106 19.56 24.84 19.47
N SER A 107 20.88 24.71 19.64
CA SER A 107 21.46 23.75 20.57
C SER A 107 20.92 23.92 21.99
N ARG A 108 20.60 25.15 22.35
CA ARG A 108 20.08 25.46 23.68
C ARG A 108 18.58 25.18 23.77
N ASN A 109 17.87 25.44 22.69
CA ASN A 109 16.41 25.33 22.69
C ASN A 109 15.83 23.92 22.62
N VAL A 110 16.46 23.04 21.84
CA VAL A 110 16.02 21.66 21.75
C VAL A 110 17.04 20.73 22.39
N ASN A 111 18.05 21.33 23.01
CA ASN A 111 19.06 20.61 23.78
C ASN A 111 19.83 19.53 23.02
N ILE A 112 20.33 19.88 21.84
CA ILE A 112 21.24 18.99 21.13
C ILE A 112 22.63 19.62 21.17
N ASN A 113 23.64 18.87 20.77
CA ASN A 113 25.00 19.37 20.80
C ASN A 113 25.27 20.34 19.66
N GLU A 114 26.13 21.32 19.94
CA GLU A 114 26.40 22.43 19.05
C GLU A 114 26.81 22.02 17.64
N VAL A 115 27.55 20.92 17.51
CA VAL A 115 27.93 20.43 16.19
C VAL A 115 26.70 19.99 15.41
N ALA A 116 25.81 19.26 16.07
CA ALA A 116 24.58 18.80 15.44
C ALA A 116 23.66 19.97 15.09
N ALA A 117 23.61 20.98 15.96
CA ALA A 117 22.84 22.18 15.70
C ALA A 117 23.42 22.94 14.52
N LEU A 118 24.75 23.00 14.45
CA LEU A 118 25.43 23.67 13.35
C LEU A 118 25.14 22.97 12.04
N ARG A 119 25.01 21.64 12.10
CA ARG A 119 24.69 20.88 10.90
C ARG A 119 23.31 21.24 10.37
N VAL A 120 22.37 21.41 11.29
CA VAL A 120 21.01 21.78 10.92
C VAL A 120 20.94 23.19 10.33
N VAL A 121 21.65 24.13 10.96
CA VAL A 121 21.68 25.52 10.53
C VAL A 121 22.14 25.67 9.08
N ILE A 122 23.17 24.92 8.71
CA ILE A 122 23.67 24.92 7.34
C ILE A 122 22.68 24.27 6.38
N ILE A 123 22.05 23.19 6.83
CA ILE A 123 21.04 22.51 6.03
C ILE A 123 19.91 23.48 5.71
N GLU A 124 19.42 24.18 6.73
CA GLU A 124 18.40 25.20 6.53
C GLU A 124 18.93 26.25 5.54
N TYR A 125 20.17 26.68 5.74
CA TYR A 125 20.79 27.72 4.92
C TYR A 125 20.94 27.33 3.45
N GLN A 126 21.25 26.05 3.20
CA GLN A 126 21.45 25.60 1.83
C GLN A 126 20.15 25.24 1.13
N SER A 127 19.04 25.40 1.82
CA SER A 127 17.75 25.06 1.24
C SER A 127 16.71 26.17 1.38
N ARG A 128 17.19 27.42 1.44
CA ARG A 128 16.31 28.58 1.57
C ARG A 128 15.42 28.77 0.34
N ALA A 129 15.96 28.48 -0.84
CA ALA A 129 15.18 28.56 -2.07
C ALA A 129 13.93 27.68 -1.98
N HIS A 130 14.11 26.47 -1.45
CA HIS A 130 13.00 25.55 -1.22
C HIS A 130 12.00 26.12 -0.21
N SER A 131 12.53 26.70 0.86
CA SER A 131 11.70 27.30 1.90
C SER A 131 10.80 28.41 1.36
N HIS A 132 11.33 29.20 0.42
CA HIS A 132 10.55 30.27 -0.20
C HIS A 132 9.35 29.70 -0.95
N LEU A 133 9.61 28.68 -1.76
CA LEU A 133 8.58 28.12 -2.62
C LEU A 133 7.51 27.33 -1.85
N THR A 134 7.88 26.78 -0.70
CA THR A 134 6.92 26.01 0.09
C THR A 134 6.09 26.90 1.00
N GLY A 135 6.43 28.18 1.04
CA GLY A 135 5.64 29.16 1.79
C GLY A 135 4.32 29.46 1.09
N PRO A 136 3.42 30.17 1.79
CA PRO A 136 2.10 30.50 1.22
C PRO A 136 2.21 31.42 0.02
N LEU A 137 1.24 31.33 -0.89
CA LEU A 137 1.20 32.16 -2.08
C LEU A 137 0.99 33.63 -1.73
N SER A 138 1.29 34.52 -2.67
CA SER A 138 0.97 35.92 -2.52
C SER A 138 -0.52 36.07 -2.82
N THR A 139 -1.09 37.21 -2.46
CA THR A 139 -2.50 37.47 -2.75
C THR A 139 -2.73 37.49 -4.25
N GLN A 140 -1.79 38.08 -4.98
CA GLN A 140 -1.90 38.20 -6.42
C GLN A 140 -1.87 36.83 -7.11
N ASP A 141 -1.05 35.93 -6.57
CA ASP A 141 -0.98 34.58 -7.09
C ASP A 141 -2.33 33.89 -6.95
N VAL A 142 -2.97 34.08 -5.82
CA VAL A 142 -4.30 33.54 -5.56
C VAL A 142 -5.33 34.07 -6.56
N ALA A 143 -5.23 35.35 -6.87
CA ALA A 143 -6.11 35.97 -7.87
C ALA A 143 -5.94 35.31 -9.23
N ASN A 144 -4.71 34.92 -9.56
CA ASN A 144 -4.43 34.23 -10.82
C ASN A 144 -5.09 32.85 -10.89
N VAL A 145 -4.92 32.05 -9.83
CA VAL A 145 -5.51 30.72 -9.75
C VAL A 145 -7.03 30.82 -9.83
N GLN A 146 -7.58 31.77 -9.08
CA GLN A 146 -9.01 32.04 -9.08
C GLN A 146 -9.53 32.35 -10.47
N GLU A 147 -8.78 33.13 -11.24
CA GLU A 147 -9.19 33.51 -12.59
C GLU A 147 -9.02 32.35 -13.57
N ALA A 148 -7.99 31.55 -13.36
CA ALA A 148 -7.76 30.35 -14.17
C ALA A 148 -8.91 29.37 -13.98
N ALA A 149 -9.39 29.27 -12.75
CA ALA A 149 -10.55 28.43 -12.44
C ALA A 149 -11.80 29.02 -13.07
N GLY A 150 -12.24 30.17 -12.54
CA GLY A 150 -13.29 30.98 -13.11
C GLY A 150 -14.56 30.29 -13.56
N VAL A 151 -15.35 29.79 -12.61
CA VAL A 151 -16.62 29.15 -12.92
C VAL A 151 -17.73 29.75 -12.05
N GLY A 152 -18.95 29.75 -12.57
CA GLY A 152 -20.10 30.27 -11.85
C GLY A 152 -20.57 29.39 -10.70
N ASP A 153 -20.26 28.09 -10.79
CA ASP A 153 -20.63 27.14 -9.75
C ASP A 153 -19.42 26.41 -9.18
N ALA A 154 -18.56 25.92 -10.08
CA ALA A 154 -17.47 25.04 -9.68
C ALA A 154 -16.26 25.78 -9.11
N GLN A 155 -16.43 27.06 -8.79
CA GLN A 155 -15.39 27.80 -8.08
C GLN A 155 -15.39 27.45 -6.61
N ALA A 156 -16.47 26.82 -6.14
CA ALA A 156 -16.53 26.34 -4.77
C ALA A 156 -15.45 25.31 -4.49
N SER A 157 -15.35 24.31 -5.36
CA SER A 157 -14.27 23.32 -5.27
C SER A 157 -12.92 23.99 -5.46
N ALA A 158 -12.90 25.04 -6.27
CA ALA A 158 -11.69 25.84 -6.45
C ALA A 158 -11.42 26.65 -5.18
N ILE A 159 -12.49 27.17 -4.57
CA ILE A 159 -12.36 27.93 -3.33
C ILE A 159 -11.84 27.09 -2.15
N VAL A 160 -12.39 25.89 -1.98
CA VAL A 160 -11.92 25.04 -0.87
C VAL A 160 -10.44 24.70 -1.03
N ALA A 161 -9.99 24.64 -2.28
CA ALA A 161 -8.59 24.34 -2.56
C ALA A 161 -7.71 25.55 -2.29
N LEU A 162 -8.18 26.73 -2.69
CA LEU A 162 -7.44 27.96 -2.43
C LEU A 162 -7.39 28.28 -0.93
N LEU A 163 -8.50 28.04 -0.24
CA LEU A 163 -8.55 28.25 1.21
C LEU A 163 -7.49 27.40 1.91
N ASN A 164 -7.30 26.17 1.43
CA ASN A 164 -6.33 25.25 2.00
C ASN A 164 -4.90 25.52 1.59
N VAL A 165 -4.71 26.20 0.46
CA VAL A 165 -3.35 26.52 0.00
C VAL A 165 -2.71 27.57 0.90
N THR A 166 -3.51 28.17 1.76
CA THR A 166 -3.08 29.23 2.70
C THR A 166 -2.56 30.47 1.95
N THR A 167 -3.24 31.60 2.13
CA THR A 167 -3.34 32.61 1.07
C THR A 167 -2.77 34.03 1.26
N VAL A 168 -2.63 34.51 2.50
CA VAL A 168 -2.40 35.94 2.69
C VAL A 168 -0.93 36.38 2.59
N ALA A 169 -0.62 37.25 1.64
CA ALA A 169 0.72 37.81 1.47
C ALA A 169 0.81 38.93 0.44
N ASP A 170 1.49 40.01 0.79
CA ASP A 170 2.02 40.93 -0.20
C ASP A 170 3.51 40.59 -0.35
N ALA A 171 3.90 40.19 -1.55
CA ALA A 171 5.20 39.58 -1.79
C ALA A 171 6.40 40.35 -1.23
N ASP A 172 6.27 41.67 -1.15
CA ASP A 172 7.35 42.51 -0.63
C ASP A 172 7.57 42.26 0.85
N SER A 173 6.48 42.18 1.61
CA SER A 173 6.58 41.96 3.05
C SER A 173 6.82 40.49 3.37
N ALA A 174 6.50 39.61 2.44
CA ALA A 174 6.72 38.18 2.61
C ALA A 174 8.21 37.93 2.73
N TRP A 175 9.00 38.71 2.01
CA TRP A 175 10.46 38.66 2.12
C TRP A 175 10.92 39.24 3.45
N ALA A 176 10.18 40.25 3.93
CA ALA A 176 10.49 40.85 5.23
C ALA A 176 10.24 39.87 6.37
N ASP A 177 9.16 39.10 6.25
CA ASP A 177 8.89 38.01 7.19
C ASP A 177 10.01 36.99 7.15
N PHE A 178 10.26 36.46 5.95
CA PHE A 178 11.24 35.41 5.72
C PHE A 178 12.62 35.70 6.29
N GLU A 179 13.01 36.97 6.30
CA GLU A 179 14.35 37.36 6.75
C GLU A 179 14.41 37.65 8.24
N SER A 180 13.26 37.65 8.90
CA SER A 180 13.17 37.94 10.32
C SER A 180 13.93 36.90 11.14
N GLU A 181 14.29 37.26 12.37
CA GLU A 181 14.97 36.31 13.26
C GLU A 181 14.01 35.22 13.71
N THR A 182 12.75 35.60 13.92
CA THR A 182 11.73 34.68 14.40
C THR A 182 11.39 33.63 13.34
N THR A 183 11.15 34.10 12.12
CA THR A 183 10.76 33.21 11.03
C THR A 183 11.90 32.25 10.66
N ARG A 184 13.12 32.76 10.68
CA ARG A 184 14.28 31.93 10.34
C ARG A 184 14.45 30.81 11.36
N ARG A 185 14.21 31.11 12.63
CA ARG A 185 14.43 30.14 13.68
C ARG A 185 13.31 29.09 13.79
N ARG A 186 12.10 29.46 13.38
CA ARG A 186 11.02 28.50 13.23
C ARG A 186 11.40 27.51 12.14
N ARG A 187 12.00 28.02 11.08
CA ARG A 187 12.50 27.19 10.00
C ARG A 187 13.60 26.27 10.51
N LEU A 188 14.38 26.76 11.47
CA LEU A 188 15.43 25.95 12.09
C LEU A 188 14.83 24.79 12.89
N LEU A 189 13.81 25.08 13.68
CA LEU A 189 13.11 24.06 14.43
C LEU A 189 12.48 23.04 13.50
N ALA A 190 11.89 23.52 12.41
CA ALA A 190 11.20 22.64 11.46
C ALA A 190 12.21 21.78 10.71
N THR A 191 13.37 22.36 10.43
CA THR A 191 14.47 21.63 9.79
C THR A 191 15.02 20.55 10.73
N TYR A 192 15.12 20.90 12.01
CA TYR A 192 15.55 19.95 13.03
C TYR A 192 14.57 18.78 13.16
N LEU A 193 13.28 19.09 13.27
CA LEU A 193 12.26 18.05 13.35
C LEU A 193 12.22 17.21 12.09
N SER A 194 12.44 17.85 10.94
CA SER A 194 12.53 17.15 9.67
C SER A 194 13.68 16.16 9.66
N GLU A 195 14.85 16.61 10.11
CA GLU A 195 16.05 15.76 10.18
C GLU A 195 15.88 14.56 11.12
N ARG A 196 15.22 14.77 12.25
CA ARG A 196 14.93 13.67 13.17
C ARG A 196 14.07 12.60 12.51
N ARG A 197 12.95 13.01 11.89
CA ARG A 197 12.10 12.07 11.18
C ARG A 197 12.89 11.30 10.13
N SER A 198 13.68 12.03 9.35
CA SER A 198 14.39 11.45 8.23
C SER A 198 15.51 10.51 8.69
N PHE A 199 16.14 10.81 9.82
CA PHE A 199 17.19 9.94 10.34
C PHE A 199 16.67 8.53 10.62
N LEU A 200 15.62 8.41 11.42
CA LEU A 200 15.01 7.11 11.67
C LEU A 200 14.40 6.46 10.42
N ALA A 201 13.86 7.29 9.52
CA ALA A 201 13.32 6.78 8.27
C ALA A 201 14.43 6.19 7.42
N ALA A 202 15.58 6.84 7.44
CA ALA A 202 16.74 6.40 6.68
C ALA A 202 17.22 5.05 7.20
N VAL A 203 17.36 4.94 8.52
CA VAL A 203 17.82 3.70 9.13
C VAL A 203 16.90 2.54 8.78
N ASP A 204 15.60 2.74 9.00
CA ASP A 204 14.58 1.77 8.61
C ASP A 204 14.70 1.34 7.13
N ALA A 205 14.72 2.32 6.23
CA ALA A 205 14.83 2.03 4.80
C ALA A 205 16.17 1.39 4.42
N LEU A 206 17.23 1.73 5.16
CA LEU A 206 18.54 1.16 4.87
C LEU A 206 18.56 -0.33 5.15
N LEU A 207 17.99 -0.72 6.30
CA LEU A 207 17.94 -2.12 6.67
C LEU A 207 17.11 -2.92 5.69
N ALA A 208 15.99 -2.35 5.25
CA ALA A 208 15.16 -3.01 4.27
C ALA A 208 15.96 -3.25 3.00
N PHE A 209 16.83 -2.28 2.68
CA PHE A 209 17.68 -2.37 1.51
C PHE A 209 18.76 -3.43 1.64
N LEU A 210 19.37 -3.53 2.83
CA LEU A 210 20.44 -4.49 3.07
C LEU A 210 19.91 -5.93 3.19
N LEU A 211 18.82 -6.10 3.92
CA LEU A 211 18.31 -7.44 4.23
C LEU A 211 17.45 -8.03 3.11
N HIS A 212 17.41 -7.37 1.95
CA HIS A 212 16.58 -7.88 0.86
C HIS A 212 17.34 -7.95 -0.46
N SER A 213 18.15 -9.00 -0.60
CA SER A 213 18.93 -9.20 -1.81
C SER A 213 18.03 -9.51 -2.99
N ARG A 214 18.47 -9.11 -4.18
CA ARG A 214 17.74 -9.32 -5.43
C ARG A 214 16.41 -8.57 -5.48
N ALA A 215 16.39 -7.36 -4.92
CA ALA A 215 15.25 -6.46 -5.03
C ALA A 215 15.11 -6.01 -6.49
N PRO A 216 13.96 -5.44 -6.88
CA PRO A 216 13.79 -5.10 -8.30
C PRO A 216 14.20 -3.68 -8.70
N GLY A 217 15.22 -3.11 -8.07
CA GLY A 217 15.68 -1.78 -8.42
C GLY A 217 16.33 -1.71 -9.79
N THR A 218 16.96 -0.57 -10.09
CA THR A 218 17.64 -0.40 -11.37
C THR A 218 19.05 -1.00 -11.32
N GLY A 219 19.32 -1.94 -12.22
CA GLY A 219 20.60 -2.63 -12.28
C GLY A 219 21.06 -3.13 -10.93
N VAL A 220 20.31 -4.06 -10.34
CA VAL A 220 20.55 -4.50 -8.96
C VAL A 220 21.86 -5.25 -8.78
N GLU A 221 22.94 -4.62 -9.23
CA GLU A 221 24.26 -4.93 -8.70
C GLU A 221 24.57 -3.74 -7.79
N LEU A 222 23.61 -3.45 -6.92
CA LEU A 222 23.82 -2.58 -5.78
C LEU A 222 24.38 -3.47 -4.67
N ASP A 223 24.59 -4.75 -5.01
CA ASP A 223 25.27 -5.71 -4.15
C ASP A 223 26.64 -5.23 -3.63
N PRO A 224 27.46 -4.58 -4.49
CA PRO A 224 28.71 -4.04 -3.93
C PRO A 224 28.46 -3.07 -2.78
N LEU A 225 27.41 -2.26 -2.88
CA LEU A 225 27.09 -1.32 -1.82
C LEU A 225 26.50 -2.06 -0.62
N ARG A 226 25.64 -3.03 -0.90
CA ARG A 226 25.01 -3.83 0.15
C ARG A 226 26.07 -4.55 0.98
N ASN A 227 26.93 -5.33 0.31
CA ASN A 227 28.01 -6.04 0.98
C ASN A 227 28.96 -5.12 1.74
N ALA A 228 29.24 -3.95 1.17
CA ALA A 228 30.14 -2.99 1.80
C ALA A 228 29.59 -2.49 3.14
N VAL A 229 28.29 -2.20 3.16
CA VAL A 229 27.66 -1.69 4.37
C VAL A 229 27.49 -2.79 5.42
N LEU A 230 27.10 -3.97 4.97
CA LEU A 230 26.89 -5.11 5.86
C LEU A 230 28.17 -5.49 6.61
N GLN A 231 29.28 -5.64 5.88
CA GLN A 231 30.55 -5.98 6.51
C GLN A 231 31.08 -4.80 7.33
N GLY A 232 31.02 -3.60 6.75
CA GLY A 232 31.56 -2.43 7.40
C GLY A 232 30.85 -1.97 8.67
N ALA A 233 29.52 -2.09 8.67
CA ALA A 233 28.72 -1.57 9.78
C ALA A 233 28.23 -2.65 10.73
N PHE A 234 28.15 -3.88 10.25
CA PHE A 234 27.57 -4.96 11.05
C PHE A 234 28.41 -6.23 11.08
N GLY A 235 29.59 -6.20 10.46
CA GLY A 235 30.49 -7.34 10.46
C GLY A 235 29.87 -8.57 9.82
N PHE A 236 28.90 -8.34 8.94
CA PHE A 236 28.22 -9.43 8.28
C PHE A 236 28.84 -9.73 6.92
N ASP A 237 29.52 -10.87 6.84
CA ASP A 237 30.08 -11.32 5.58
C ASP A 237 29.25 -12.49 5.06
N GLN A 238 28.50 -12.24 4.00
CA GLN A 238 27.67 -13.27 3.39
C GLN A 238 28.52 -14.41 2.84
N ASN A 239 29.71 -14.07 2.35
CA ASN A 239 30.62 -15.04 1.75
C ASN A 239 31.44 -15.79 2.79
N ALA A 240 31.31 -15.40 4.06
CA ALA A 240 31.99 -16.10 5.14
C ALA A 240 31.29 -17.43 5.40
N ALA A 241 32.00 -18.34 6.06
CA ALA A 241 31.46 -19.67 6.37
C ALA A 241 30.17 -19.53 7.17
N LYS A 242 30.30 -19.02 8.41
CA LYS A 242 29.13 -18.77 9.25
C LYS A 242 29.12 -17.30 9.67
N PRO A 243 28.37 -16.48 8.91
CA PRO A 243 28.28 -15.02 9.05
C PRO A 243 27.91 -14.57 10.46
N ASP A 244 28.62 -13.57 10.98
CA ASP A 244 28.35 -13.06 12.31
C ASP A 244 27.19 -12.06 12.30
N THR A 245 26.13 -12.39 13.04
CA THR A 245 24.92 -11.57 13.04
C THR A 245 24.71 -10.83 14.36
N THR A 246 25.67 -10.91 15.27
CA THR A 246 25.51 -10.33 16.59
C THR A 246 25.28 -8.81 16.55
N GLN A 247 25.91 -8.15 15.58
CA GLN A 247 25.74 -6.71 15.43
C GLN A 247 24.34 -6.34 14.93
N LEU A 248 23.88 -7.01 13.88
CA LEU A 248 22.53 -6.83 13.39
C LEU A 248 21.52 -7.10 14.49
N ASP A 249 21.71 -8.20 15.20
CA ASP A 249 20.82 -8.56 16.30
C ASP A 249 20.76 -7.45 17.34
N ALA A 250 21.90 -6.82 17.59
CA ALA A 250 22.01 -5.79 18.62
C ALA A 250 21.17 -4.54 18.31
N LEU A 251 20.79 -4.36 17.05
CA LEU A 251 19.94 -3.23 16.65
C LEU A 251 18.60 -3.21 17.38
N ALA A 252 18.02 -4.39 17.59
CA ALA A 252 16.70 -4.47 18.22
C ALA A 252 16.63 -3.93 19.65
N PRO A 253 17.49 -4.42 20.57
CA PRO A 253 17.45 -3.83 21.91
C PRO A 253 17.80 -2.35 21.88
N THR A 254 18.71 -1.98 20.99
CA THR A 254 19.13 -0.59 20.86
C THR A 254 17.97 0.33 20.50
N TYR A 255 17.29 0.02 19.40
CA TYR A 255 16.20 0.87 18.95
C TYR A 255 14.94 0.76 19.81
N ILE A 256 14.80 -0.34 20.54
CA ILE A 256 13.73 -0.43 21.52
C ILE A 256 13.93 0.62 22.60
N ARG A 257 15.17 0.84 23.01
CA ARG A 257 15.47 1.90 23.98
C ARG A 257 15.03 3.29 23.51
N THR A 258 15.21 3.58 22.22
CA THR A 258 14.83 4.91 21.70
C THR A 258 13.32 5.18 21.83
N LEU A 259 12.52 4.14 22.00
CA LEU A 259 11.07 4.29 22.01
C LEU A 259 10.53 5.01 23.23
N GLU A 260 11.18 4.80 24.38
CA GLU A 260 10.83 5.51 25.60
C GLU A 260 10.94 7.02 25.38
N GLY A 261 12.03 7.42 24.74
CA GLY A 261 12.22 8.81 24.34
C GLY A 261 11.08 9.37 23.51
N CYS A 262 10.75 8.70 22.40
CA CYS A 262 9.65 9.12 21.54
C CYS A 262 8.35 9.33 22.31
N PHE A 263 8.11 8.44 23.28
CA PHE A 263 6.89 8.52 24.07
C PHE A 263 6.90 9.73 25.00
N ASP A 264 8.06 10.03 25.57
CA ASP A 264 8.23 11.21 26.42
C ASP A 264 7.99 12.50 25.62
N ARG A 265 8.69 12.65 24.49
CA ARG A 265 8.57 13.83 23.65
C ARG A 265 7.15 14.04 23.14
N MET A 266 6.45 12.94 22.91
CA MET A 266 5.08 12.97 22.44
C MET A 266 4.14 13.58 23.48
N GLN A 267 4.64 13.72 24.72
CA GLN A 267 3.83 14.28 25.80
C GLN A 267 4.21 15.72 26.15
N MET A 268 5.42 16.13 25.80
CA MET A 268 5.86 17.49 26.09
C MET A 268 6.99 18.00 25.19
N ALA A 269 6.87 19.26 24.77
CA ALA A 269 7.97 19.95 24.12
C ALA A 269 9.03 20.20 25.19
N PRO A 270 10.31 20.32 24.79
CA PRO A 270 11.35 20.53 25.81
C PRO A 270 11.15 21.86 26.52
N GLU A 271 10.95 21.82 27.84
CA GLU A 271 10.83 23.05 28.62
C GLU A 271 12.19 23.76 28.71
N SER A 272 12.67 24.17 27.55
CA SER A 272 13.96 24.82 27.38
C SER A 272 13.88 25.54 26.05
N LEU A 273 12.67 25.54 25.50
CA LEU A 273 12.39 26.16 24.21
C LEU A 273 11.69 27.49 24.42
N ASP A 274 12.09 28.50 23.68
CA ASP A 274 11.53 29.84 23.81
C ASP A 274 10.04 29.89 23.47
N ASN A 275 9.27 30.62 24.28
CA ASN A 275 7.84 30.76 24.05
C ASN A 275 7.55 31.38 22.70
N GLN A 276 6.35 31.11 22.17
CA GLN A 276 5.91 31.59 20.87
C GLN A 276 6.75 31.08 19.68
N MET A 277 7.60 30.10 19.96
CA MET A 277 8.07 29.19 18.95
C MET A 277 6.97 28.15 18.92
N LEU A 278 6.29 28.05 20.05
CA LEU A 278 5.22 27.10 20.29
C LEU A 278 3.92 27.52 19.59
N THR A 279 3.95 27.63 18.27
CA THR A 279 2.75 27.86 17.49
C THR A 279 1.91 26.59 17.43
N GLU A 280 0.71 26.70 16.85
CA GLU A 280 -0.12 25.53 16.62
C GLU A 280 0.57 24.61 15.61
N GLN A 281 1.28 25.21 14.66
CA GLN A 281 1.99 24.45 13.64
C GLN A 281 3.15 23.67 14.25
N PHE A 282 3.85 24.28 15.20
CA PHE A 282 4.97 23.61 15.84
C PHE A 282 4.54 22.42 16.71
N GLU A 283 3.44 22.56 17.45
CA GLU A 283 2.97 21.47 18.31
C GLU A 283 2.64 20.23 17.50
N VAL A 284 1.96 20.42 16.38
CA VAL A 284 1.62 19.32 15.49
C VAL A 284 2.89 18.66 14.95
N ASP A 285 3.83 19.49 14.48
CA ASP A 285 5.07 18.99 13.92
C ASP A 285 5.87 18.22 14.96
N TRP A 286 5.88 18.73 16.19
CA TRP A 286 6.60 18.10 17.29
C TRP A 286 6.06 16.69 17.57
N ILE A 287 4.74 16.58 17.69
CA ILE A 287 4.08 15.30 17.93
C ILE A 287 4.25 14.35 16.74
N ARG A 288 4.03 14.87 15.53
CA ARG A 288 4.16 14.09 14.30
C ARG A 288 5.54 13.46 14.17
N THR A 289 6.56 14.17 14.66
CA THR A 289 7.93 13.70 14.56
C THR A 289 8.19 12.55 15.53
N ALA A 290 7.73 12.74 16.76
CA ALA A 290 7.84 11.70 17.78
C ALA A 290 7.17 10.39 17.33
N LEU A 291 5.97 10.51 16.77
CA LEU A 291 5.23 9.36 16.26
C LEU A 291 5.95 8.69 15.08
N THR A 292 6.43 9.50 14.16
CA THR A 292 7.17 9.01 12.99
C THR A 292 8.44 8.27 13.40
N GLU A 293 9.15 8.82 14.38
CA GLU A 293 10.34 8.18 14.90
C GLU A 293 9.98 6.83 15.51
N ALA A 294 8.89 6.80 16.26
CA ALA A 294 8.40 5.55 16.85
C ALA A 294 8.07 4.51 15.77
N ILE A 295 7.35 4.94 14.73
CA ILE A 295 6.96 4.04 13.64
C ILE A 295 8.15 3.43 12.89
N HIS A 296 9.13 4.25 12.53
CA HIS A 296 10.29 3.76 11.79
C HIS A 296 11.22 2.89 12.65
N ALA A 297 11.31 3.22 13.93
CA ALA A 297 12.07 2.40 14.87
C ALA A 297 11.43 1.01 14.98
N MET A 298 10.12 0.98 15.20
CA MET A 298 9.40 -0.28 15.25
C MET A 298 9.50 -1.10 13.96
N SER A 299 9.50 -0.43 12.81
CA SER A 299 9.69 -1.13 11.54
C SER A 299 11.05 -1.82 11.54
N LEU A 300 12.08 -1.09 11.95
CA LEU A 300 13.44 -1.64 12.07
C LEU A 300 13.45 -2.85 13.01
N ILE A 301 12.85 -2.67 14.19
CA ILE A 301 12.83 -3.71 15.20
C ILE A 301 12.22 -4.98 14.65
N PHE A 302 11.12 -4.83 13.92
CA PHE A 302 10.47 -5.96 13.30
C PHE A 302 11.35 -6.69 12.30
N GLN A 303 12.02 -5.94 11.42
CA GLN A 303 12.91 -6.52 10.43
C GLN A 303 13.99 -7.36 11.10
N ILE A 304 14.47 -6.88 12.24
CA ILE A 304 15.50 -7.60 12.99
C ILE A 304 14.93 -8.86 13.64
N LEU A 305 13.79 -8.74 14.31
CA LEU A 305 13.13 -9.90 14.88
C LEU A 305 12.84 -10.94 13.80
N ASP A 306 12.44 -10.47 12.62
CA ASP A 306 12.01 -11.36 11.56
C ASP A 306 13.20 -12.05 10.91
N LEU A 307 14.40 -11.64 11.30
CA LEU A 307 15.62 -12.28 10.85
C LEU A 307 15.75 -13.67 11.45
N LYS A 308 15.16 -13.87 12.63
CA LYS A 308 15.25 -15.15 13.33
C LYS A 308 13.88 -15.78 13.52
N ALA A 309 13.00 -15.57 12.56
CA ALA A 309 11.63 -16.06 12.62
C ALA A 309 11.56 -17.58 12.73
N SER A 310 10.39 -18.09 13.12
CA SER A 310 10.19 -19.51 13.39
C SER A 310 11.15 -19.99 14.48
N GLN A 311 11.27 -19.20 15.54
CA GLN A 311 12.24 -19.46 16.60
C GLN A 311 12.02 -18.44 17.71
N PHE A 312 12.08 -18.90 18.96
CA PHE A 312 11.92 -18.01 20.11
C PHE A 312 12.93 -16.86 20.12
N ALA A 313 12.44 -15.66 20.38
CA ALA A 313 13.32 -14.51 20.58
C ALA A 313 14.05 -14.69 21.89
N ALA A 314 15.15 -13.95 22.09
CA ALA A 314 15.83 -13.98 23.37
C ALA A 314 14.88 -13.46 24.44
N PRO A 315 14.80 -14.16 25.57
CA PRO A 315 13.83 -13.77 26.61
C PRO A 315 14.02 -12.33 27.07
N ALA A 316 15.27 -11.88 27.10
CA ALA A 316 15.58 -10.51 27.50
C ALA A 316 14.91 -9.52 26.54
N LEU A 317 14.88 -9.88 25.27
CA LEU A 317 14.22 -9.05 24.27
C LEU A 317 12.72 -9.03 24.53
N VAL A 318 12.16 -10.19 24.89
CA VAL A 318 10.71 -10.30 25.11
C VAL A 318 10.28 -9.45 26.31
N THR A 319 11.03 -9.51 27.39
CA THR A 319 10.68 -8.74 28.58
C THR A 319 11.01 -7.25 28.44
N GLN A 320 12.07 -6.92 27.73
CA GLN A 320 12.37 -5.53 27.45
C GLN A 320 11.19 -4.85 26.75
N TRP A 321 10.68 -5.49 25.70
CA TRP A 321 9.55 -4.96 24.95
C TRP A 321 8.29 -4.78 25.82
N PHE A 322 7.96 -5.78 26.63
CA PHE A 322 6.73 -5.67 27.42
C PHE A 322 6.87 -4.72 28.61
N ALA A 323 8.09 -4.55 29.09
CA ALA A 323 8.37 -3.52 30.09
C ALA A 323 8.14 -2.15 29.43
N LEU A 324 8.57 -2.01 28.19
CA LEU A 324 8.34 -0.78 27.45
C LEU A 324 6.85 -0.50 27.21
N MET A 325 6.12 -1.53 26.78
CA MET A 325 4.68 -1.38 26.58
C MET A 325 3.98 -1.03 27.89
N ASP A 326 4.57 -1.43 29.01
CA ASP A 326 3.98 -1.17 30.31
C ASP A 326 4.14 0.30 30.67
N THR A 327 5.34 0.83 30.47
CA THR A 327 5.62 2.22 30.82
C THR A 327 4.97 3.18 29.83
N CYS A 328 4.84 2.74 28.58
CA CYS A 328 4.26 3.58 27.54
C CYS A 328 2.78 3.30 27.32
N GLU A 329 2.20 2.44 28.17
CA GLU A 329 0.79 2.04 28.05
C GLU A 329 0.45 1.61 26.62
N PHE A 330 1.31 0.78 26.05
CA PHE A 330 1.10 0.25 24.71
C PHE A 330 1.01 1.31 23.61
N PHE A 331 1.53 2.50 23.89
CA PHE A 331 1.50 3.62 22.95
C PHE A 331 0.09 4.06 22.59
N GLU A 332 -0.85 3.83 23.49
CA GLU A 332 -2.23 4.27 23.29
C GLU A 332 -2.49 5.75 23.66
N PRO A 333 -1.91 6.24 24.77
CA PRO A 333 -2.25 7.64 25.10
C PRO A 333 -1.43 8.67 24.32
N VAL A 334 -1.95 9.10 23.16
CA VAL A 334 -1.27 10.12 22.38
C VAL A 334 -2.23 11.28 22.07
N PRO A 335 -1.70 12.51 22.05
CA PRO A 335 -2.48 13.70 21.66
C PRO A 335 -2.81 13.62 20.17
N ARG A 336 -4.10 13.57 19.82
CA ARG A 336 -4.51 13.16 18.49
C ARG A 336 -5.35 14.17 17.71
N GLY A 337 -5.12 15.46 17.95
CA GLY A 337 -5.89 16.51 17.31
C GLY A 337 -5.90 16.49 15.80
N HIS A 338 -4.76 16.87 15.19
CA HIS A 338 -4.68 17.11 13.76
C HIS A 338 -4.81 15.85 12.89
N GLU A 339 -4.99 16.06 11.59
CA GLU A 339 -5.12 14.95 10.64
C GLU A 339 -3.78 14.29 10.38
N LEU A 340 -2.73 15.10 10.34
CA LEU A 340 -1.36 14.60 10.18
C LEU A 340 -1.05 13.56 11.25
N ILE A 341 -1.49 13.84 12.47
CA ILE A 341 -1.28 12.95 13.60
C ILE A 341 -2.20 11.73 13.47
N ALA A 342 -3.40 11.97 12.99
CA ALA A 342 -4.44 10.95 12.89
C ALA A 342 -4.07 9.77 11.99
N GLU A 343 -3.47 10.06 10.84
CA GLU A 343 -3.18 9.02 9.87
C GLU A 343 -1.96 8.17 10.27
N LEU A 344 -1.33 8.52 11.38
CA LEU A 344 -0.17 7.79 11.88
C LEU A 344 -0.54 6.80 13.00
N LEU A 345 -1.74 6.96 13.55
CA LEU A 345 -2.20 6.12 14.65
C LEU A 345 -2.32 4.64 14.28
N MET A 346 -3.05 4.35 13.20
CA MET A 346 -3.19 2.96 12.74
C MET A 346 -1.85 2.27 12.42
N PRO A 347 -0.98 2.90 11.62
CA PRO A 347 0.36 2.30 11.41
C PRO A 347 1.11 2.03 12.72
N LEU A 348 1.08 2.99 13.64
CA LEU A 348 1.78 2.82 14.92
C LEU A 348 1.22 1.64 15.70
N HIS A 349 -0.10 1.59 15.80
CA HIS A 349 -0.79 0.51 16.49
C HIS A 349 -0.58 -0.86 15.82
N SER A 350 -0.56 -0.87 14.49
CA SER A 350 -0.30 -2.10 13.75
C SER A 350 1.06 -2.66 14.10
N LEU A 351 2.09 -1.82 14.08
CA LEU A 351 3.42 -2.29 14.43
C LEU A 351 3.49 -2.77 15.88
N VAL A 352 2.83 -2.04 16.77
CA VAL A 352 2.77 -2.42 18.18
C VAL A 352 2.15 -3.81 18.37
N ALA A 353 1.05 -4.07 17.68
CA ALA A 353 0.38 -5.37 17.75
C ALA A 353 1.26 -6.46 17.15
N ALA A 354 1.73 -6.23 15.93
CA ALA A 354 2.56 -7.20 15.22
C ALA A 354 3.83 -7.57 15.99
N ILE A 355 4.54 -6.58 16.52
CA ILE A 355 5.77 -6.85 17.29
C ILE A 355 5.47 -7.66 18.55
N SER A 356 4.45 -7.23 19.29
CA SER A 356 4.03 -7.96 20.49
C SER A 356 3.68 -9.43 20.17
N LEU A 357 2.92 -9.64 19.10
CA LEU A 357 2.55 -10.98 18.66
C LEU A 357 3.78 -11.79 18.24
N LYS A 358 4.64 -11.17 17.46
CA LYS A 358 5.89 -11.79 17.01
C LYS A 358 6.65 -12.33 18.22
N LEU A 359 6.72 -11.54 19.27
CA LEU A 359 7.47 -11.90 20.47
C LEU A 359 6.76 -12.91 21.37
N LEU A 360 5.42 -12.85 21.42
CA LEU A 360 4.66 -13.87 22.13
C LEU A 360 4.80 -15.20 21.40
N ASN A 361 4.82 -15.11 20.08
CA ASN A 361 4.99 -16.26 19.21
C ASN A 361 4.02 -17.38 19.57
N VAL A 362 2.72 -17.06 19.51
CA VAL A 362 1.69 -17.94 20.03
C VAL A 362 1.77 -19.38 19.48
N ASP A 363 2.20 -19.51 18.23
CA ASP A 363 2.25 -20.81 17.57
C ASP A 363 3.34 -21.71 18.16
N ARG A 364 4.57 -21.21 18.21
CA ARG A 364 5.67 -21.97 18.78
C ARG A 364 5.50 -22.15 20.29
N THR A 365 4.83 -21.19 20.92
CA THR A 365 4.61 -21.25 22.35
C THR A 365 3.67 -22.40 22.72
N LEU A 366 2.52 -22.47 22.05
CA LEU A 366 1.58 -23.57 22.23
C LEU A 366 2.19 -24.94 21.92
N SER A 367 2.97 -25.02 20.85
CA SER A 367 3.65 -26.28 20.49
C SER A 367 4.64 -26.70 21.56
N TYR A 368 5.39 -25.74 22.08
CA TYR A 368 6.37 -26.02 23.12
C TYR A 368 5.68 -26.48 24.40
N LEU A 369 4.55 -25.85 24.73
CA LEU A 369 3.79 -26.24 25.91
C LEU A 369 3.27 -27.68 25.80
N ASP A 370 2.99 -28.12 24.57
CA ASP A 370 2.57 -29.50 24.33
C ASP A 370 3.75 -30.41 24.08
N GLN A 371 4.94 -29.96 24.49
CA GLN A 371 6.17 -30.73 24.35
C GLN A 371 6.33 -31.30 22.94
N ASP A 372 5.92 -30.51 21.97
CA ASP A 372 5.83 -30.95 20.58
C ASP A 372 6.83 -30.21 19.70
N VAL A 373 7.84 -29.60 20.31
CA VAL A 373 8.87 -28.92 19.55
C VAL A 373 10.24 -29.05 20.21
N ASP A 374 11.27 -29.16 19.39
CA ASP A 374 12.64 -29.30 19.87
C ASP A 374 13.42 -28.02 19.64
N LEU A 375 13.89 -27.41 20.73
CA LEU A 375 14.60 -26.15 20.66
C LEU A 375 15.91 -26.28 19.89
N LEU A 376 16.35 -25.20 19.26
CA LEU A 376 17.62 -25.18 18.56
C LEU A 376 18.73 -24.85 19.55
N GLU A 377 19.97 -24.76 19.04
CA GLU A 377 21.16 -24.58 19.89
C GLU A 377 21.03 -23.54 21.01
N GLU A 378 20.85 -22.29 20.62
CA GLU A 378 20.84 -21.20 21.58
C GLU A 378 19.44 -20.60 21.74
N GLU A 379 18.43 -21.41 21.47
CA GLU A 379 17.04 -20.98 21.60
C GLU A 379 16.57 -21.12 23.05
N GLU A 380 15.88 -20.11 23.54
CA GLU A 380 15.38 -20.12 24.91
C GLU A 380 14.06 -19.36 24.99
N PRO A 381 12.96 -20.07 25.29
CA PRO A 381 11.66 -19.40 25.32
C PRO A 381 11.46 -18.61 26.60
N TYR A 382 10.72 -17.52 26.53
CA TYR A 382 10.45 -16.72 27.72
C TYR A 382 9.64 -17.52 28.76
N LEU A 383 9.03 -18.61 28.31
CA LEU A 383 8.20 -19.45 29.17
C LEU A 383 9.00 -20.20 30.20
N ALA A 384 10.29 -20.36 29.94
CA ALA A 384 11.18 -21.06 30.86
C ALA A 384 11.22 -20.43 32.25
N SER A 385 10.92 -19.14 32.32
CA SER A 385 10.94 -18.41 33.59
C SER A 385 9.57 -17.90 34.02
N SER A 386 9.21 -18.18 35.27
CA SER A 386 7.97 -17.69 35.85
C SER A 386 8.02 -16.19 36.09
N ASP A 387 9.23 -15.67 36.37
CA ASP A 387 9.41 -14.24 36.59
C ASP A 387 9.08 -13.43 35.35
N ASN A 388 9.59 -13.87 34.20
CA ASN A 388 9.22 -13.30 32.91
C ASN A 388 7.72 -13.25 32.72
N LEU A 389 7.06 -14.39 32.94
CA LEU A 389 5.62 -14.50 32.74
C LEU A 389 4.85 -13.57 33.66
N ALA A 390 5.32 -13.42 34.88
CA ALA A 390 4.63 -12.58 35.86
C ALA A 390 4.59 -11.12 35.39
N GLN A 391 5.70 -10.63 34.84
CA GLN A 391 5.78 -9.26 34.34
C GLN A 391 4.91 -9.05 33.10
N MET A 392 5.09 -9.91 32.11
CA MET A 392 4.28 -9.86 30.90
C MET A 392 2.79 -9.94 31.21
N HIS A 393 2.43 -10.80 32.15
CA HIS A 393 1.02 -10.98 32.48
C HIS A 393 0.31 -9.71 32.94
N THR A 394 0.87 -9.04 33.95
CA THR A 394 0.23 -7.85 34.51
C THR A 394 0.12 -6.73 33.46
N THR A 395 1.09 -6.63 32.57
CA THR A 395 1.02 -5.67 31.47
C THR A 395 -0.16 -5.97 30.54
N ILE A 396 -0.21 -7.20 30.03
CA ILE A 396 -1.26 -7.59 29.09
C ILE A 396 -2.63 -7.59 29.76
N ALA A 397 -2.67 -7.99 31.04
CA ALA A 397 -3.91 -8.00 31.78
C ALA A 397 -4.42 -6.56 31.99
N ALA A 398 -3.49 -5.64 32.20
CA ALA A 398 -3.86 -4.23 32.39
C ALA A 398 -4.46 -3.67 31.10
N ALA A 399 -3.85 -3.99 29.97
CA ALA A 399 -4.38 -3.58 28.67
C ALA A 399 -5.78 -4.13 28.44
N ALA A 400 -6.01 -5.37 28.87
CA ALA A 400 -7.32 -6.01 28.69
C ALA A 400 -8.37 -5.39 29.60
N SER A 401 -7.94 -4.92 30.76
CA SER A 401 -8.84 -4.32 31.75
C SER A 401 -9.21 -2.88 31.41
N ALA A 402 -8.30 -2.18 30.73
CA ALA A 402 -8.52 -0.81 30.32
C ALA A 402 -9.24 -0.78 28.99
N GLY A 403 -9.28 -1.94 28.34
CA GLY A 403 -9.92 -2.05 27.04
C GLY A 403 -9.22 -1.27 25.95
N LEU A 404 -7.89 -1.23 25.98
CA LEU A 404 -7.13 -0.59 24.92
C LEU A 404 -7.34 -1.36 23.62
N ILE A 405 -8.12 -0.78 22.71
CA ILE A 405 -8.50 -1.44 21.46
C ILE A 405 -7.34 -2.07 20.70
N SER A 406 -6.30 -1.28 20.44
CA SER A 406 -5.20 -1.75 19.60
C SER A 406 -4.45 -2.96 20.16
N THR A 407 -4.67 -3.29 21.42
CA THR A 407 -3.93 -4.37 22.07
C THR A 407 -4.70 -5.68 22.08
N MET A 408 -5.94 -5.65 21.58
CA MET A 408 -6.81 -6.83 21.58
C MET A 408 -6.20 -8.09 20.96
N PRO A 409 -5.48 -7.97 19.84
CA PRO A 409 -4.80 -9.17 19.35
C PRO A 409 -3.82 -9.75 20.36
N VAL A 410 -3.11 -8.89 21.10
CA VAL A 410 -2.15 -9.33 22.09
C VAL A 410 -2.87 -10.00 23.26
N VAL A 411 -4.00 -9.41 23.65
CA VAL A 411 -4.84 -9.95 24.71
C VAL A 411 -5.37 -11.34 24.30
N PHE A 412 -5.86 -11.43 23.07
CA PHE A 412 -6.39 -12.69 22.54
C PHE A 412 -5.31 -13.77 22.54
N ALA A 413 -4.15 -13.48 21.95
CA ALA A 413 -3.06 -14.44 21.88
C ALA A 413 -2.65 -14.92 23.27
N TRP A 414 -2.57 -13.99 24.21
CA TRP A 414 -2.17 -14.30 25.56
C TRP A 414 -3.20 -15.17 26.29
N SER A 415 -4.48 -14.96 26.01
CA SER A 415 -5.51 -15.80 26.62
C SER A 415 -5.35 -17.27 26.23
N LEU A 416 -4.86 -17.52 25.02
CA LEU A 416 -4.61 -18.88 24.55
C LEU A 416 -3.45 -19.51 25.30
N ILE A 417 -2.38 -18.75 25.42
CA ILE A 417 -1.19 -19.18 26.14
C ILE A 417 -1.52 -19.49 27.59
N LEU A 418 -2.33 -18.65 28.22
CA LEU A 418 -2.77 -18.88 29.59
C LEU A 418 -3.57 -20.17 29.72
N HIS A 419 -4.54 -20.35 28.83
CA HIS A 419 -5.38 -21.52 28.86
C HIS A 419 -4.55 -22.79 28.70
N GLN A 420 -3.59 -22.77 27.79
CA GLN A 420 -2.73 -23.92 27.58
C GLN A 420 -1.86 -24.26 28.79
N MET A 421 -1.47 -23.25 29.55
CA MET A 421 -0.69 -23.49 30.76
C MET A 421 -1.58 -24.11 31.83
N HIS A 422 -2.82 -23.66 31.88
CA HIS A 422 -3.79 -24.16 32.83
C HIS A 422 -4.10 -25.61 32.54
N VAL A 423 -4.25 -25.94 31.26
CA VAL A 423 -4.53 -27.31 30.84
C VAL A 423 -3.37 -28.23 31.22
N GLY A 424 -2.15 -27.81 30.89
CA GLY A 424 -0.95 -28.54 31.23
C GLY A 424 -0.87 -28.82 32.72
N TYR A 425 -1.27 -27.83 33.53
CA TYR A 425 -1.21 -27.99 34.97
C TYR A 425 -2.25 -28.99 35.46
N GLN A 426 -3.47 -28.89 34.95
CA GLN A 426 -4.55 -29.80 35.32
C GLN A 426 -4.22 -31.24 34.95
N GLU A 427 -3.56 -31.42 33.81
CA GLU A 427 -3.14 -32.73 33.33
C GLU A 427 -2.14 -33.36 34.31
N ARG A 428 -1.12 -32.60 34.67
CA ARG A 428 -0.12 -33.06 35.63
C ARG A 428 -0.70 -33.25 37.02
N ALA A 429 -1.70 -32.45 37.36
CA ALA A 429 -2.35 -32.55 38.66
C ALA A 429 -3.19 -33.82 38.78
N GLU A 430 -3.86 -34.20 37.69
CA GLU A 430 -4.65 -35.42 37.66
C GLU A 430 -3.73 -36.65 37.59
N ARG A 431 -2.70 -36.56 36.76
CA ARG A 431 -1.68 -37.60 36.68
C ARG A 431 -1.10 -37.89 38.08
N ARG A 432 -0.93 -36.85 38.88
CA ARG A 432 -0.38 -36.99 40.23
C ARG A 432 -1.43 -37.46 41.23
N ASP A 433 -2.65 -36.95 41.09
CA ASP A 433 -3.71 -37.30 42.03
C ASP A 433 -4.17 -38.74 41.79
N LEU A 434 -3.82 -39.25 40.61
CA LEU A 434 -4.12 -40.63 40.26
C LEU A 434 -3.21 -41.58 41.03
N LEU A 435 -1.92 -41.23 41.07
CA LEU A 435 -0.93 -42.00 41.83
C LEU A 435 -1.29 -41.97 43.31
N GLN A 436 -1.84 -40.84 43.73
CA GLN A 436 -2.23 -40.64 45.12
C GLN A 436 -3.37 -41.58 45.50
N ASN A 437 -4.21 -41.91 44.52
CA ASN A 437 -5.35 -42.79 44.76
C ASN A 437 -5.00 -44.27 44.61
N GLN A 438 -4.00 -44.58 43.78
CA GLN A 438 -3.52 -45.96 43.67
C GLN A 438 -2.82 -46.35 44.95
N ARG A 439 -2.02 -45.42 45.49
CA ARG A 439 -1.33 -45.63 46.75
C ARG A 439 -2.29 -45.53 47.93
N ALA A 440 -3.43 -44.88 47.70
CA ALA A 440 -4.50 -44.86 48.68
C ALA A 440 -5.11 -46.25 48.79
N GLN A 441 -5.50 -46.81 47.65
CA GLN A 441 -6.10 -48.15 47.60
C GLN A 441 -5.22 -49.23 48.23
N ALA A 442 -3.93 -49.20 47.92
CA ALA A 442 -3.00 -50.19 48.43
C ALA A 442 -2.74 -50.01 49.93
N GLY A 443 -3.03 -48.81 50.43
CA GLY A 443 -2.77 -48.48 51.81
C GLY A 443 -3.90 -48.81 52.77
N PHE A 444 -5.13 -48.70 52.28
CA PHE A 444 -6.30 -49.00 53.11
C PHE A 444 -6.55 -50.50 53.17
N GLU A 445 -5.67 -51.27 52.53
CA GLU A 445 -5.68 -52.72 52.65
C GLU A 445 -5.28 -53.09 54.07
N LEU A 446 -6.06 -53.96 54.70
CA LEU A 446 -5.89 -54.30 56.12
C LEU A 446 -5.90 -53.06 57.02
N GLY A 460 2.95 -44.23 52.53
CA GLY A 460 3.48 -43.15 53.34
C GLY A 460 4.25 -42.12 52.54
N SER A 461 4.33 -42.35 51.23
CA SER A 461 5.06 -41.44 50.34
C SER A 461 4.16 -40.35 49.78
N ILE A 462 4.43 -39.10 50.16
CA ILE A 462 3.64 -37.97 49.67
C ILE A 462 4.03 -37.60 48.23
N VAL A 463 3.28 -38.13 47.28
CA VAL A 463 3.58 -37.96 45.86
C VAL A 463 3.32 -36.54 45.36
N SER A 464 4.36 -35.90 44.85
CA SER A 464 4.25 -34.53 44.36
C SER A 464 3.94 -34.46 42.86
N ILE A 465 3.65 -33.26 42.39
CA ILE A 465 3.31 -33.04 41.00
C ILE A 465 4.58 -32.94 40.14
N GLU A 466 4.44 -33.27 38.87
CA GLU A 466 5.51 -33.10 37.90
C GLU A 466 5.77 -31.60 37.75
N ALA A 467 7.06 -31.23 37.75
CA ALA A 467 7.44 -29.82 37.77
C ALA A 467 7.40 -29.18 36.39
N SER A 468 6.85 -27.98 36.31
CA SER A 468 6.95 -27.20 35.09
C SER A 468 7.69 -25.90 35.37
N SER A 469 8.07 -25.20 34.32
CA SER A 469 8.80 -23.95 34.47
C SER A 469 7.87 -22.74 34.53
N TYR A 470 6.57 -22.97 34.71
CA TYR A 470 5.61 -21.88 34.74
C TYR A 470 4.61 -21.96 35.88
N ASP A 471 4.74 -23.00 36.72
CA ASP A 471 3.74 -23.25 37.76
C ASP A 471 3.63 -22.16 38.81
N VAL A 472 4.76 -21.68 39.30
CA VAL A 472 4.73 -20.72 40.39
C VAL A 472 4.14 -19.37 39.94
N PHE A 473 4.31 -19.04 38.66
CA PHE A 473 3.54 -17.94 38.06
C PHE A 473 2.04 -18.22 38.05
N LEU A 474 1.66 -19.40 37.57
CA LEU A 474 0.26 -19.83 37.58
C LEU A 474 -0.40 -19.69 38.95
N VAL A 475 0.23 -20.23 39.97
CA VAL A 475 -0.31 -20.15 41.32
C VAL A 475 -0.45 -18.69 41.81
N SER A 476 0.51 -17.84 41.45
CA SER A 476 0.52 -16.46 41.93
C SER A 476 -0.72 -15.67 41.48
N GLN A 477 -1.29 -16.07 40.35
CA GLN A 477 -2.47 -15.42 39.80
C GLN A 477 -3.72 -16.28 39.94
N GLN A 478 -3.58 -17.42 40.59
CA GLN A 478 -4.65 -18.41 40.77
C GLN A 478 -5.15 -19.02 39.46
N LEU A 479 -4.36 -18.94 38.41
CA LEU A 479 -4.75 -19.48 37.13
C LEU A 479 -4.65 -21.02 37.05
N GLU A 480 -4.11 -21.65 38.10
CA GLU A 480 -4.01 -23.10 38.09
C GLU A 480 -5.34 -23.73 38.52
N ARG A 481 -6.08 -23.01 39.35
CA ARG A 481 -7.35 -23.50 39.86
C ARG A 481 -8.52 -22.67 39.35
N ASN A 482 -8.22 -21.56 38.69
CA ASN A 482 -9.26 -20.67 38.19
C ASN A 482 -8.84 -19.99 36.88
N ILE A 483 -9.41 -20.46 35.78
CA ILE A 483 -9.01 -19.97 34.46
C ILE A 483 -9.94 -18.88 33.91
N GLU A 484 -10.90 -18.44 34.72
CA GLU A 484 -11.84 -17.37 34.32
C GLU A 484 -11.18 -16.08 33.77
N PRO A 485 -10.09 -15.61 34.42
CA PRO A 485 -9.40 -14.45 33.83
C PRO A 485 -9.01 -14.62 32.37
N ALA A 486 -8.52 -15.80 31.99
CA ALA A 486 -8.14 -16.04 30.60
C ALA A 486 -9.34 -16.12 29.67
N GLU A 487 -10.42 -16.72 30.16
CA GLU A 487 -11.64 -16.83 29.37
C GLU A 487 -12.23 -15.44 29.14
N ASN A 488 -12.19 -14.60 30.17
CA ASN A 488 -12.67 -13.23 30.06
C ASN A 488 -11.86 -12.35 29.10
N MET A 489 -10.55 -12.54 29.08
CA MET A 489 -9.71 -11.80 28.12
C MET A 489 -10.13 -12.11 26.68
N ALA A 490 -10.41 -13.38 26.40
CA ALA A 490 -10.81 -13.79 25.07
C ALA A 490 -12.19 -13.22 24.77
N ARG A 491 -13.01 -13.14 25.80
CA ARG A 491 -14.35 -12.59 25.67
C ARG A 491 -14.32 -11.09 25.36
N ILE A 492 -13.43 -10.37 26.05
CA ILE A 492 -13.25 -8.94 25.83
C ILE A 492 -12.78 -8.71 24.40
N ALA A 493 -11.77 -9.47 23.98
CA ALA A 493 -11.15 -9.26 22.68
C ALA A 493 -12.04 -9.63 21.49
N THR A 494 -12.82 -10.70 21.62
CA THR A 494 -13.69 -11.09 20.51
C THR A 494 -15.00 -10.32 20.54
N GLY A 495 -15.36 -9.80 21.71
CA GLY A 495 -16.61 -9.08 21.87
C GLY A 495 -16.48 -7.58 21.64
N ARG A 496 -16.50 -6.82 22.73
CA ARG A 496 -16.39 -5.37 22.66
C ARG A 496 -15.05 -4.91 22.07
N GLY A 497 -14.03 -5.75 22.18
CA GLY A 497 -12.71 -5.43 21.65
C GLY A 497 -12.62 -5.50 20.14
N GLN A 498 -13.62 -6.14 19.52
CA GLN A 498 -13.69 -6.28 18.06
C GLN A 498 -12.37 -6.64 17.37
N VAL A 499 -11.65 -7.60 17.93
CA VAL A 499 -10.31 -7.96 17.45
C VAL A 499 -10.29 -8.43 15.99
N TYR A 500 -11.40 -9.01 15.53
CA TYR A 500 -11.47 -9.53 14.16
C TYR A 500 -11.54 -8.42 13.12
N GLU A 501 -12.40 -7.43 13.38
CA GLU A 501 -12.44 -6.24 12.53
C GLU A 501 -11.13 -5.47 12.67
N LEU A 502 -10.59 -5.43 13.88
CA LEU A 502 -9.35 -4.69 14.13
C LEU A 502 -8.21 -5.23 13.29
N MET A 503 -7.99 -6.54 13.33
CA MET A 503 -6.91 -7.15 12.55
C MET A 503 -7.11 -6.94 11.06
N ALA A 504 -8.36 -6.94 10.60
CA ALA A 504 -8.66 -6.68 9.20
C ALA A 504 -8.20 -5.28 8.75
N ASP A 505 -8.44 -4.28 9.60
CA ASP A 505 -7.91 -2.94 9.36
C ASP A 505 -6.38 -2.88 9.41
N MET A 506 -5.78 -3.51 10.41
CA MET A 506 -4.33 -3.53 10.47
C MET A 506 -3.75 -4.22 9.25
N ALA A 507 -4.48 -5.17 8.70
CA ALA A 507 -4.01 -5.88 7.52
C ALA A 507 -4.04 -5.02 6.26
N VAL A 508 -4.95 -4.06 6.19
CA VAL A 508 -4.95 -3.10 5.09
C VAL A 508 -3.76 -2.16 5.22
N CYS A 509 -3.60 -1.63 6.43
CA CYS A 509 -2.46 -0.81 6.79
C CYS A 509 -1.14 -1.52 6.48
N LEU A 510 -1.08 -2.81 6.81
CA LEU A 510 0.10 -3.61 6.54
C LEU A 510 -0.08 -4.38 5.23
N GLY A 511 -0.90 -3.83 4.35
CA GLY A 511 -1.29 -4.56 3.15
C GLY A 511 -0.43 -4.30 1.95
N SER A 512 -1.01 -4.53 0.78
CA SER A 512 -0.31 -4.36 -0.48
C SER A 512 -1.20 -3.58 -1.43
N GLY A 513 -2.07 -2.76 -0.86
CA GLY A 513 -2.95 -1.92 -1.66
C GLY A 513 -2.50 -0.47 -1.59
N GLN A 514 -3.32 0.41 -2.18
CA GLN A 514 -2.97 1.81 -2.28
C GLN A 514 -3.08 2.55 -0.95
N LEU A 515 -3.78 1.97 0.01
CA LEU A 515 -3.94 2.59 1.32
C LEU A 515 -2.91 2.05 2.29
N ALA A 516 -1.99 1.24 1.79
CA ALA A 516 -0.98 0.64 2.65
C ALA A 516 0.02 1.68 3.13
N ALA A 517 0.38 1.60 4.40
CA ALA A 517 1.33 2.52 5.01
C ALA A 517 2.79 2.10 4.82
N PHE A 518 3.03 0.80 4.72
CA PHE A 518 4.39 0.28 4.74
C PHE A 518 4.79 -0.35 3.42
N ARG A 519 6.08 -0.60 3.26
CA ARG A 519 6.58 -1.44 2.16
C ARG A 519 5.84 -2.77 2.17
N PRO A 520 5.45 -3.26 0.99
CA PRO A 520 4.73 -4.53 0.87
C PRO A 520 5.46 -5.68 1.56
N VAL A 521 6.79 -5.68 1.49
CA VAL A 521 7.59 -6.72 2.12
C VAL A 521 7.39 -6.76 3.62
N LEU A 522 7.52 -5.60 4.26
CA LEU A 522 7.31 -5.51 5.69
C LEU A 522 5.89 -5.94 6.06
N GLY A 523 4.91 -5.43 5.31
CA GLY A 523 3.52 -5.74 5.58
C GLY A 523 3.20 -7.22 5.46
N ALA A 524 3.76 -7.86 4.44
CA ALA A 524 3.54 -9.28 4.20
C ALA A 524 4.13 -10.15 5.30
N ARG A 525 5.27 -9.75 5.86
CA ARG A 525 5.87 -10.47 6.98
C ARG A 525 5.16 -10.18 8.30
N ALA A 526 4.59 -8.98 8.43
CA ALA A 526 3.91 -8.61 9.66
C ALA A 526 2.55 -9.31 9.76
N ARG A 527 1.82 -9.35 8.64
CA ARG A 527 0.49 -9.95 8.62
C ARG A 527 0.55 -11.42 9.04
N LEU A 528 1.74 -12.00 8.87
CA LEU A 528 2.05 -13.35 9.33
C LEU A 528 1.74 -13.57 10.80
N THR A 529 2.00 -12.56 11.63
CA THR A 529 1.71 -12.66 13.06
C THR A 529 0.21 -12.81 13.29
N PHE A 530 -0.57 -12.10 12.48
CA PHE A 530 -2.02 -12.11 12.63
C PHE A 530 -2.57 -13.47 12.23
N GLN A 531 -2.02 -14.00 11.14
CA GLN A 531 -2.39 -15.33 10.66
C GLN A 531 -2.09 -16.44 11.69
N ASP A 532 -0.99 -16.30 12.42
CA ASP A 532 -0.66 -17.27 13.47
C ASP A 532 -1.70 -17.27 14.59
N LEU A 533 -2.19 -16.09 14.94
CA LEU A 533 -3.24 -15.98 15.95
C LEU A 533 -4.51 -16.71 15.51
N LEU A 534 -4.86 -16.62 14.22
CA LEU A 534 -6.07 -17.25 13.72
C LEU A 534 -5.89 -18.76 13.52
N LYS A 535 -4.66 -19.15 13.19
CA LYS A 535 -4.27 -20.55 13.13
C LYS A 535 -4.54 -21.25 14.45
N ARG A 536 -4.20 -20.58 15.55
CA ARG A 536 -4.31 -21.18 16.88
C ARG A 536 -5.68 -20.99 17.53
N SER A 537 -6.35 -19.89 17.25
CA SER A 537 -7.65 -19.65 17.86
C SER A 537 -8.73 -20.53 17.26
N ALA A 538 -8.43 -21.12 16.10
CA ALA A 538 -9.37 -22.02 15.43
C ALA A 538 -9.68 -23.25 16.25
N HIS A 539 -8.79 -23.58 17.18
CA HIS A 539 -9.03 -24.71 18.06
C HIS A 539 -10.19 -24.43 19.00
N TYR A 540 -10.26 -23.19 19.49
CA TYR A 540 -11.29 -22.79 20.45
C TYR A 540 -12.54 -22.26 19.76
N VAL A 541 -12.35 -21.54 18.67
CA VAL A 541 -13.46 -20.99 17.90
C VAL A 541 -13.66 -21.92 16.71
N GLY A 542 -14.88 -22.15 16.29
CA GLY A 542 -15.08 -23.03 15.16
C GLY A 542 -14.67 -22.41 13.83
N TYR A 543 -15.36 -22.83 12.77
CA TYR A 543 -15.24 -22.16 11.50
C TYR A 543 -16.44 -21.22 11.47
N GLN A 544 -16.25 -20.04 12.07
CA GLN A 544 -17.32 -19.07 12.23
C GLN A 544 -17.15 -17.95 11.24
N ALA A 545 -18.21 -17.14 11.05
CA ALA A 545 -18.19 -16.06 10.07
C ALA A 545 -17.06 -15.05 10.31
N GLU A 546 -16.88 -14.62 11.56
CA GLU A 546 -15.87 -13.61 11.86
C GLU A 546 -14.40 -14.02 11.62
N PRO A 547 -13.94 -15.13 12.22
CA PRO A 547 -12.53 -15.49 11.99
C PRO A 547 -12.24 -15.75 10.51
N VAL A 548 -13.17 -16.41 9.83
CA VAL A 548 -13.02 -16.69 8.40
C VAL A 548 -12.90 -15.41 7.58
N SER A 549 -13.88 -14.51 7.74
CA SER A 549 -13.84 -13.22 7.08
C SER A 549 -12.56 -12.46 7.38
N CYS A 550 -12.14 -12.49 8.65
CA CYS A 550 -10.93 -11.80 9.07
C CYS A 550 -9.70 -12.38 8.37
N LEU A 551 -9.64 -13.71 8.32
CA LEU A 551 -8.54 -14.39 7.64
C LEU A 551 -8.47 -14.00 6.17
N LEU A 552 -9.62 -13.97 5.51
CA LEU A 552 -9.68 -13.54 4.11
C LEU A 552 -9.14 -12.10 3.95
N SER A 553 -9.46 -11.24 4.90
CA SER A 553 -8.99 -9.85 4.91
C SER A 553 -7.48 -9.76 5.10
N ILE A 554 -6.97 -10.55 6.04
CA ILE A 554 -5.53 -10.61 6.30
C ILE A 554 -4.76 -11.08 5.07
N LEU A 555 -5.33 -12.03 4.35
CA LEU A 555 -4.73 -12.51 3.11
C LEU A 555 -4.82 -11.46 2.02
N SER A 556 -6.00 -10.87 1.87
CA SER A 556 -6.26 -9.89 0.82
C SER A 556 -5.37 -8.66 1.00
N GLY A 557 -5.25 -8.21 2.25
CA GLY A 557 -4.42 -7.06 2.56
C GLY A 557 -4.80 -5.80 1.79
N GLY A 558 -6.08 -5.66 1.47
CA GLY A 558 -6.56 -4.48 0.79
C GLY A 558 -6.21 -4.41 -0.68
N SER A 559 -5.69 -5.49 -1.23
CA SER A 559 -5.40 -5.54 -2.67
C SER A 559 -6.68 -5.64 -3.49
N GLN A 560 -6.53 -5.54 -4.80
CA GLN A 560 -7.64 -5.71 -5.72
C GLN A 560 -7.13 -6.23 -7.06
N TYR A 561 -8.04 -6.43 -8.01
CA TYR A 561 -7.66 -7.01 -9.29
C TYR A 561 -6.58 -6.20 -10.02
N TRP A 562 -6.61 -4.88 -9.87
CA TRP A 562 -5.70 -4.01 -10.62
C TRP A 562 -4.26 -4.11 -10.12
N ASP A 563 -4.09 -4.61 -8.91
CA ASP A 563 -2.78 -4.75 -8.29
C ASP A 563 -2.04 -6.02 -8.71
N ILE A 564 -2.74 -6.92 -9.41
CA ILE A 564 -2.15 -8.20 -9.81
C ILE A 564 -0.87 -8.02 -10.62
N SER A 565 0.17 -8.74 -10.21
CA SER A 565 1.51 -8.55 -10.77
C SER A 565 2.20 -9.87 -11.07
N ALA A 566 3.14 -9.84 -12.01
CA ALA A 566 3.90 -11.03 -12.38
C ALA A 566 5.04 -11.28 -11.39
N GLU A 567 5.27 -10.33 -10.49
CA GLU A 567 6.40 -10.41 -9.57
C GLU A 567 5.94 -10.49 -8.12
N ALA A 568 6.81 -11.00 -7.25
CA ALA A 568 6.54 -11.06 -5.82
C ALA A 568 6.89 -9.70 -5.21
N PRO A 569 6.38 -9.43 -3.99
CA PRO A 569 6.75 -8.22 -3.24
C PRO A 569 8.27 -8.04 -3.14
N SER A 570 8.80 -7.08 -3.90
CA SER A 570 10.24 -6.83 -3.99
C SER A 570 11.06 -8.09 -4.29
N ASN A 571 10.49 -8.97 -5.11
CA ASN A 571 11.16 -10.21 -5.53
C ASN A 571 11.59 -11.10 -4.36
N GLU A 572 10.90 -10.98 -3.24
CA GLU A 572 11.23 -11.78 -2.05
C GLU A 572 10.43 -13.08 -1.97
N LYS A 573 11.15 -14.17 -1.75
CA LYS A 573 10.55 -15.51 -1.71
C LYS A 573 9.75 -15.73 -0.43
N SER A 574 10.31 -15.29 0.69
CA SER A 574 9.70 -15.51 2.00
C SER A 574 8.55 -14.53 2.25
N ALA A 575 8.42 -13.53 1.40
CA ALA A 575 7.34 -12.56 1.53
C ALA A 575 5.99 -13.20 1.20
N LEU A 576 6.03 -14.30 0.45
CA LEU A 576 4.81 -15.00 0.04
C LEU A 576 4.37 -16.08 1.04
N ASP A 577 5.04 -16.16 2.19
CA ASP A 577 4.74 -17.18 3.19
C ASP A 577 3.28 -17.15 3.59
N ILE A 578 2.76 -15.97 3.90
CA ILE A 578 1.39 -15.82 4.36
C ILE A 578 0.39 -16.42 3.36
N TYR A 579 0.76 -16.41 2.09
CA TYR A 579 -0.06 -16.98 1.05
C TYR A 579 0.19 -18.47 0.90
N THR A 580 1.46 -18.87 0.83
CA THR A 580 1.79 -20.29 0.67
C THR A 580 1.43 -21.15 1.87
N ARG A 581 1.40 -20.54 3.07
CA ARG A 581 1.06 -21.28 4.28
C ARG A 581 -0.39 -21.80 4.24
N MET A 582 -1.24 -21.19 3.42
CA MET A 582 -2.61 -21.68 3.28
C MET A 582 -2.61 -23.07 2.65
N LEU A 583 -1.51 -23.42 1.98
CA LEU A 583 -1.36 -24.74 1.39
C LEU A 583 -0.50 -25.64 2.28
N SER A 584 0.67 -25.14 2.67
CA SER A 584 1.69 -25.96 3.30
C SER A 584 1.46 -26.23 4.80
N ASP A 585 0.74 -25.35 5.47
CA ASP A 585 0.53 -25.51 6.91
C ASP A 585 -0.68 -26.36 7.24
N ASP A 586 -0.44 -27.44 8.00
CA ASP A 586 -1.46 -28.45 8.26
C ASP A 586 -2.72 -27.90 8.92
N THR A 587 -2.55 -26.95 9.84
CA THR A 587 -3.68 -26.41 10.57
C THR A 587 -4.52 -25.45 9.73
N LEU A 588 -3.87 -24.49 9.10
CA LEU A 588 -4.56 -23.50 8.27
C LEU A 588 -5.24 -24.19 7.11
N ASN A 589 -4.51 -25.10 6.47
CA ASN A 589 -5.04 -25.80 5.32
C ASN A 589 -6.27 -26.61 5.65
N VAL A 590 -6.23 -27.34 6.77
CA VAL A 590 -7.35 -28.21 7.16
C VAL A 590 -8.48 -27.43 7.80
N GLN A 591 -8.16 -26.50 8.69
CA GLN A 591 -9.19 -25.79 9.44
C GLN A 591 -9.85 -24.67 8.65
N TYR A 592 -9.14 -24.09 7.68
CA TYR A 592 -9.70 -22.98 6.90
C TYR A 592 -9.86 -23.26 5.41
N ALA A 593 -8.72 -23.48 4.74
CA ALA A 593 -8.71 -23.63 3.29
C ALA A 593 -9.55 -24.81 2.81
N SER A 594 -9.24 -26.00 3.33
CA SER A 594 -9.95 -27.20 2.90
C SER A 594 -11.37 -27.19 3.46
N GLN A 595 -11.54 -26.51 4.58
CA GLN A 595 -12.86 -26.36 5.19
C GLN A 595 -13.80 -25.55 4.32
N SER A 596 -13.25 -24.56 3.62
CA SER A 596 -14.04 -23.70 2.75
C SER A 596 -14.46 -24.49 1.50
N ARG A 597 -13.56 -25.33 1.02
CA ARG A 597 -13.86 -26.15 -0.15
C ARG A 597 -14.95 -27.17 0.16
N ASN A 598 -14.89 -27.75 1.36
CA ASN A 598 -15.89 -28.73 1.80
C ASN A 598 -17.30 -28.18 1.87
N ARG A 599 -17.45 -26.86 1.76
CA ARG A 599 -18.78 -26.26 1.79
C ARG A 599 -19.09 -25.38 0.60
N PHE A 600 -18.46 -25.71 -0.51
CA PHE A 600 -18.66 -25.00 -1.77
C PHE A 600 -19.37 -25.90 -2.79
N PRO A 601 -20.31 -25.36 -3.56
CA PRO A 601 -20.73 -23.96 -3.57
C PRO A 601 -21.90 -23.62 -2.65
N TYR A 602 -22.31 -24.54 -1.77
CA TYR A 602 -23.42 -24.23 -0.85
C TYR A 602 -23.17 -22.92 -0.13
N GLU A 603 -21.94 -22.76 0.36
CA GLU A 603 -21.44 -21.47 0.77
C GLU A 603 -20.45 -21.06 -0.30
N PHE A 604 -20.75 -19.99 -1.01
CA PHE A 604 -19.97 -19.62 -2.19
C PHE A 604 -18.79 -18.70 -1.88
N LEU A 605 -19.04 -17.64 -1.11
CA LEU A 605 -18.03 -16.60 -0.92
C LEU A 605 -16.65 -17.08 -0.44
N PRO A 606 -16.58 -17.77 0.70
CA PRO A 606 -15.25 -18.00 1.28
C PRO A 606 -14.30 -18.79 0.39
N PHE A 607 -14.75 -19.88 -0.20
CA PHE A 607 -13.87 -20.67 -1.05
C PHE A 607 -13.47 -19.91 -2.31
N ALA A 608 -14.39 -19.14 -2.86
CA ALA A 608 -14.13 -18.42 -4.09
C ALA A 608 -13.20 -17.23 -3.82
N SER A 609 -13.41 -16.55 -2.71
CA SER A 609 -12.55 -15.45 -2.30
C SER A 609 -11.12 -15.92 -2.12
N MET A 610 -10.96 -17.07 -1.48
CA MET A 610 -9.64 -17.58 -1.12
C MET A 610 -8.83 -18.02 -2.33
N CYS A 611 -9.48 -18.62 -3.32
CA CYS A 611 -8.75 -19.03 -4.51
C CYS A 611 -8.34 -17.80 -5.32
N ARG A 612 -9.24 -16.83 -5.41
CA ARG A 612 -8.95 -15.59 -6.11
C ARG A 612 -7.75 -14.89 -5.48
N ILE A 613 -7.80 -14.71 -4.16
CA ILE A 613 -6.75 -14.01 -3.43
C ILE A 613 -5.40 -14.71 -3.55
N LEU A 614 -5.39 -16.03 -3.37
CA LEU A 614 -4.14 -16.77 -3.43
C LEU A 614 -3.52 -16.79 -4.83
N SER A 615 -4.34 -17.07 -5.84
CA SER A 615 -3.83 -17.13 -7.21
C SER A 615 -3.32 -15.76 -7.70
N ALA A 616 -4.01 -14.70 -7.28
CA ALA A 616 -3.58 -13.35 -7.61
C ALA A 616 -2.22 -13.05 -6.99
N ALA A 617 -1.99 -13.57 -5.79
CA ALA A 617 -0.80 -13.27 -5.02
C ALA A 617 0.36 -14.20 -5.33
N LEU A 618 0.07 -15.36 -5.92
CA LEU A 618 1.09 -16.39 -6.09
C LEU A 618 1.56 -16.56 -7.52
N VAL A 619 1.33 -15.54 -8.34
CA VAL A 619 1.69 -15.56 -9.76
C VAL A 619 3.15 -15.93 -9.98
N SER A 620 4.04 -15.36 -9.17
CA SER A 620 5.48 -15.59 -9.30
C SER A 620 5.94 -16.97 -8.85
N ASP A 621 5.09 -17.71 -8.14
CA ASP A 621 5.44 -19.07 -7.71
C ASP A 621 4.67 -20.13 -8.49
N ASN A 622 5.37 -20.81 -9.39
CA ASN A 622 4.76 -21.81 -10.27
C ASN A 622 4.14 -22.99 -9.53
N GLU A 623 4.89 -23.55 -8.59
CA GLU A 623 4.47 -24.74 -7.86
C GLU A 623 3.22 -24.47 -7.04
N SER A 624 3.04 -23.23 -6.61
CA SER A 624 1.87 -22.85 -5.84
C SER A 624 0.69 -22.55 -6.75
N SER A 625 0.95 -21.87 -7.86
CA SER A 625 -0.10 -21.55 -8.82
C SER A 625 -0.74 -22.81 -9.40
N GLU A 626 0.09 -23.80 -9.72
CA GLU A 626 -0.39 -25.06 -10.28
C GLU A 626 -1.30 -25.80 -9.31
N LEU A 627 -0.99 -25.71 -8.01
CA LEU A 627 -1.80 -26.36 -7.00
C LEU A 627 -3.16 -25.71 -6.86
N ILE A 628 -3.22 -24.40 -7.03
CA ILE A 628 -4.48 -23.67 -6.92
C ILE A 628 -5.33 -23.85 -8.18
N THR A 629 -4.72 -23.66 -9.34
CA THR A 629 -5.41 -23.86 -10.61
C THR A 629 -5.83 -25.31 -10.77
N GLY A 630 -4.89 -26.21 -10.47
CA GLY A 630 -5.16 -27.64 -10.55
C GLY A 630 -6.34 -28.04 -9.68
N LEU A 631 -6.48 -27.38 -8.54
CA LEU A 631 -7.60 -27.66 -7.65
C LEU A 631 -8.92 -27.18 -8.24
N LEU A 632 -8.87 -26.04 -8.93
CA LEU A 632 -10.06 -25.49 -9.57
C LEU A 632 -10.52 -26.35 -10.75
N VAL A 633 -9.58 -27.07 -11.36
CA VAL A 633 -9.87 -27.89 -12.52
C VAL A 633 -10.18 -29.33 -12.10
N LYS A 634 -9.56 -29.76 -11.00
CA LYS A 634 -9.76 -31.11 -10.49
C LYS A 634 -10.17 -31.05 -9.02
N ASN A 635 -11.45 -30.76 -8.78
CA ASN A 635 -11.97 -30.58 -7.43
C ASN A 635 -12.74 -31.81 -6.95
N PRO A 636 -12.21 -32.50 -5.94
CA PRO A 636 -12.66 -33.79 -5.37
C PRO A 636 -14.11 -33.86 -4.93
N SER A 637 -14.66 -32.79 -4.34
CA SER A 637 -16.02 -32.86 -3.82
C SER A 637 -16.88 -31.68 -4.29
N LEU A 638 -18.16 -31.74 -3.91
CA LEU A 638 -19.13 -30.70 -4.24
C LEU A 638 -20.22 -30.73 -3.18
N THR A 639 -20.53 -29.57 -2.61
CA THR A 639 -21.50 -29.50 -1.52
C THR A 639 -22.66 -28.60 -1.92
N LEU A 640 -23.86 -29.16 -1.90
CA LEU A 640 -25.03 -28.43 -2.39
C LEU A 640 -26.27 -28.78 -1.58
N ASN A 641 -27.35 -28.04 -1.85
CA ASN A 641 -28.65 -28.37 -1.30
C ASN A 641 -29.18 -29.64 -1.93
N TRP A 642 -29.72 -30.53 -1.12
CA TRP A 642 -30.27 -31.78 -1.63
C TRP A 642 -31.65 -31.56 -2.22
N ASP A 643 -31.80 -31.87 -3.50
CA ASP A 643 -33.09 -31.82 -4.16
C ASP A 643 -33.94 -32.95 -3.62
N PRO A 644 -35.07 -32.62 -2.97
CA PRO A 644 -35.94 -33.63 -2.35
C PRO A 644 -36.51 -34.61 -3.39
N ARG A 645 -36.38 -34.25 -4.66
CA ARG A 645 -36.81 -35.12 -5.76
C ARG A 645 -35.73 -36.14 -6.10
N TRP A 646 -34.80 -36.36 -5.17
CA TRP A 646 -33.74 -37.34 -5.34
C TRP A 646 -33.78 -38.36 -4.21
N ASP A 647 -34.87 -38.37 -3.46
CA ASP A 647 -34.98 -39.22 -2.26
C ASP A 647 -34.99 -40.72 -2.57
N ARG A 648 -34.95 -41.06 -3.84
CA ARG A 648 -34.99 -42.47 -4.25
C ARG A 648 -33.83 -42.81 -5.18
N SER A 649 -32.93 -41.85 -5.36
CA SER A 649 -31.77 -42.07 -6.21
C SER A 649 -30.52 -42.36 -5.38
N TYR A 650 -30.72 -42.78 -4.13
CA TYR A 650 -29.60 -43.06 -3.24
C TYR A 650 -29.89 -44.15 -2.21
N GLU A 651 -28.84 -44.84 -1.78
CA GLU A 651 -28.92 -45.81 -0.71
C GLU A 651 -27.92 -45.45 0.38
N LEU A 652 -28.30 -45.63 1.64
CA LEU A 652 -27.40 -45.39 2.75
C LEU A 652 -26.26 -46.40 2.81
N VAL A 653 -25.02 -45.94 2.62
CA VAL A 653 -23.86 -46.69 3.07
C VAL A 653 -23.89 -46.50 4.58
N PHE A 654 -23.21 -47.36 5.32
CA PHE A 654 -23.59 -47.57 6.70
C PHE A 654 -22.52 -47.30 7.77
N GLU A 655 -23.02 -47.10 8.98
CA GLU A 655 -22.33 -47.12 10.28
C GLU A 655 -23.12 -46.15 11.16
N GLU A 656 -23.05 -46.35 12.48
CA GLU A 656 -23.72 -45.46 13.43
C GLU A 656 -25.24 -45.50 13.29
N GLU A 657 -25.73 -44.59 12.44
CA GLU A 657 -27.14 -44.34 12.17
C GLU A 657 -27.05 -43.10 11.30
N ASN A 658 -26.93 -43.31 10.00
CA ASN A 658 -26.35 -42.26 9.17
C ASN A 658 -27.28 -41.19 8.59
N THR A 659 -27.17 -40.00 9.17
CA THR A 659 -27.51 -38.78 8.47
C THR A 659 -26.34 -38.57 7.53
N ASN A 660 -25.24 -39.28 7.81
CA ASN A 660 -24.03 -39.16 7.03
C ASN A 660 -24.02 -39.97 5.74
N SER A 661 -23.30 -41.09 5.75
CA SER A 661 -22.96 -41.81 4.54
C SER A 661 -24.16 -42.30 3.71
N PHE A 662 -24.08 -42.04 2.41
CA PHE A 662 -25.00 -42.62 1.44
C PHE A 662 -24.27 -42.85 0.12
N ARG A 663 -24.93 -43.59 -0.76
CA ARG A 663 -24.38 -43.88 -2.09
C ARG A 663 -25.45 -43.67 -3.14
N LEU A 664 -25.11 -42.94 -4.19
CA LEU A 664 -26.05 -42.74 -5.30
C LEU A 664 -26.31 -44.06 -6.02
N THR A 665 -27.57 -44.49 -6.01
CA THR A 665 -27.99 -45.70 -6.72
C THR A 665 -28.19 -45.42 -8.20
N LYS A 666 -28.73 -44.24 -8.51
CA LYS A 666 -28.91 -43.81 -9.89
C LYS A 666 -27.97 -42.67 -10.26
N ASP A 667 -28.16 -42.11 -11.44
CA ASP A 667 -27.42 -40.93 -11.87
C ASP A 667 -28.31 -39.70 -11.66
N ILE A 668 -27.70 -38.61 -11.20
CA ILE A 668 -28.43 -37.37 -11.01
C ILE A 668 -27.82 -36.24 -11.83
N ASP A 669 -28.67 -35.52 -12.55
CA ASP A 669 -28.20 -34.40 -13.36
C ASP A 669 -28.40 -33.09 -12.62
N LEU A 670 -27.30 -32.36 -12.42
CA LEU A 670 -27.36 -31.05 -11.78
C LEU A 670 -28.19 -30.08 -12.61
N PHE A 671 -28.12 -30.23 -13.93
CA PHE A 671 -28.83 -29.35 -14.84
C PHE A 671 -29.83 -30.12 -15.69
N ASP A 672 -31.09 -29.70 -15.63
CA ASP A 672 -32.15 -30.32 -16.42
C ASP A 672 -32.81 -29.30 -17.35
N ALA A 673 -33.33 -29.77 -18.47
CA ALA A 673 -34.05 -28.91 -19.39
C ALA A 673 -35.47 -28.66 -18.88
N ALA A 674 -36.08 -27.57 -19.34
CA ALA A 674 -37.41 -27.16 -18.90
C ALA A 674 -37.48 -26.97 -17.39
N PRO A 683 -29.89 -32.35 -25.09
CA PRO A 683 -28.58 -31.72 -24.94
C PRO A 683 -27.61 -32.61 -24.17
N GLU A 684 -26.34 -32.64 -24.60
CA GLU A 684 -25.33 -33.43 -23.90
C GLU A 684 -24.41 -32.54 -23.08
N GLU A 685 -24.96 -31.40 -22.65
CA GLU A 685 -24.24 -30.37 -21.93
C GLU A 685 -24.73 -30.34 -20.49
N LYS A 686 -24.72 -31.49 -19.84
CA LYS A 686 -25.32 -31.61 -18.52
C LYS A 686 -24.32 -32.10 -17.48
N CYS A 687 -24.64 -31.84 -16.22
CA CYS A 687 -23.77 -32.25 -15.13
C CYS A 687 -24.40 -33.41 -14.40
N THR A 688 -24.03 -34.61 -14.81
CA THR A 688 -24.54 -35.81 -14.16
C THR A 688 -23.47 -36.47 -13.31
N ILE A 689 -23.87 -36.94 -12.15
CA ILE A 689 -22.96 -37.60 -11.23
C ILE A 689 -23.29 -39.09 -11.19
N SER A 690 -22.43 -39.88 -11.83
CA SER A 690 -22.67 -41.31 -12.02
C SER A 690 -22.95 -42.05 -10.71
N ARG A 691 -23.77 -43.09 -10.79
CA ARG A 691 -24.13 -43.89 -9.63
C ARG A 691 -22.90 -44.52 -9.00
N GLY A 692 -22.95 -44.75 -7.69
CA GLY A 692 -21.81 -45.29 -6.98
C GLY A 692 -21.02 -44.24 -6.24
N THR A 693 -21.02 -43.01 -6.75
CA THR A 693 -20.36 -41.90 -6.08
C THR A 693 -20.93 -41.73 -4.68
N PHE A 694 -20.04 -41.66 -3.69
CA PHE A 694 -20.44 -41.62 -2.30
C PHE A 694 -20.73 -40.19 -1.84
N GLY A 695 -21.59 -40.05 -0.86
CA GLY A 695 -21.95 -38.75 -0.34
C GLY A 695 -22.14 -38.76 1.16
N ARG A 696 -22.53 -37.61 1.71
CA ARG A 696 -22.75 -37.46 3.14
C ARG A 696 -23.64 -36.23 3.36
N PHE A 697 -24.70 -36.36 4.15
CA PHE A 697 -25.48 -35.19 4.52
C PHE A 697 -24.79 -34.48 5.68
N VAL A 698 -24.79 -33.15 5.63
CA VAL A 698 -23.86 -32.34 6.41
C VAL A 698 -24.57 -31.48 7.47
N THR A 699 -25.87 -31.64 7.64
CA THR A 699 -26.55 -30.82 8.64
C THR A 699 -27.39 -31.57 9.65
N ASP A 700 -28.43 -32.24 9.15
CA ASP A 700 -29.57 -32.73 9.96
C ASP A 700 -30.41 -31.54 10.45
N VAL A 701 -29.86 -30.34 10.22
CA VAL A 701 -30.57 -29.07 10.41
C VAL A 701 -30.63 -28.43 9.03
N GLY A 702 -31.47 -28.99 8.17
CA GLY A 702 -31.51 -28.62 6.77
C GLY A 702 -31.33 -29.85 5.91
N ARG A 703 -31.07 -29.65 4.61
CA ARG A 703 -30.90 -30.76 3.70
C ARG A 703 -29.67 -30.57 2.81
N VAL A 704 -28.49 -30.49 3.41
CA VAL A 704 -27.28 -30.25 2.65
C VAL A 704 -26.44 -31.52 2.53
N ALA A 705 -25.93 -31.77 1.33
CA ALA A 705 -25.14 -32.96 1.08
C ALA A 705 -23.79 -32.65 0.45
N LYS A 706 -22.75 -33.31 0.94
CA LYS A 706 -21.43 -33.24 0.32
C LYS A 706 -21.20 -34.49 -0.54
N LEU A 707 -21.03 -34.28 -1.84
CA LEU A 707 -20.87 -35.39 -2.78
C LEU A 707 -19.42 -35.52 -3.23
N GLU A 708 -18.88 -36.74 -3.17
CA GLU A 708 -17.50 -36.97 -3.57
C GLU A 708 -17.37 -37.08 -5.09
N PHE A 709 -17.81 -36.03 -5.77
CA PHE A 709 -17.81 -35.99 -7.23
C PHE A 709 -16.69 -35.09 -7.74
N GLU A 710 -15.64 -35.73 -8.26
CA GLU A 710 -14.52 -35.01 -8.85
C GLU A 710 -14.97 -34.30 -10.11
N HIS A 711 -14.61 -33.02 -10.24
CA HIS A 711 -15.08 -32.20 -11.34
C HIS A 711 -14.31 -30.89 -11.42
N SER A 712 -14.62 -30.12 -12.46
CA SER A 712 -13.99 -28.82 -12.65
C SER A 712 -14.88 -27.70 -12.15
N THR A 713 -14.41 -26.99 -11.14
CA THR A 713 -15.13 -25.87 -10.57
C THR A 713 -15.36 -24.78 -11.62
N LEU A 714 -14.34 -24.49 -12.41
CA LEU A 714 -14.44 -23.46 -13.44
C LEU A 714 -15.47 -23.86 -14.48
N ALA A 715 -15.35 -25.07 -15.00
CA ALA A 715 -16.28 -25.58 -16.01
C ALA A 715 -17.70 -25.52 -15.48
N LEU A 716 -17.86 -25.87 -14.20
CA LEU A 716 -19.17 -25.85 -13.57
C LEU A 716 -19.73 -24.44 -13.43
N PHE A 717 -18.91 -23.52 -12.93
CA PHE A 717 -19.35 -22.14 -12.76
C PHE A 717 -19.76 -21.53 -14.09
N GLY A 718 -19.03 -21.88 -15.15
CA GLY A 718 -19.33 -21.38 -16.48
C GLY A 718 -20.74 -21.74 -16.91
N LYS A 719 -21.13 -22.98 -16.63
CA LYS A 719 -22.45 -23.46 -17.00
C LYS A 719 -23.53 -22.86 -16.10
N ARG A 720 -23.20 -22.68 -14.82
CA ARG A 720 -24.11 -22.01 -13.91
C ARG A 720 -24.37 -20.60 -14.41
N LEU A 721 -23.32 -19.98 -14.90
CA LEU A 721 -23.38 -18.63 -15.44
C LEU A 721 -24.34 -18.59 -16.63
N GLU A 722 -24.23 -19.57 -17.51
CA GLU A 722 -25.06 -19.67 -18.70
C GLU A 722 -26.55 -19.88 -18.38
N VAL A 723 -26.83 -20.71 -17.39
CA VAL A 723 -28.20 -20.96 -16.94
C VAL A 723 -28.88 -19.68 -16.46
N ASN A 724 -28.14 -18.88 -15.72
CA ASN A 724 -28.66 -17.61 -15.21
C ASN A 724 -29.18 -16.65 -16.28
N LEU A 725 -28.66 -16.77 -17.49
CA LEU A 725 -29.08 -15.93 -18.60
C LEU A 725 -30.44 -16.33 -19.17
N MET A 726 -30.68 -17.64 -19.21
CA MET A 726 -31.84 -18.18 -19.91
C MET A 726 -33.14 -18.06 -19.10
N ALA A 727 -33.02 -17.56 -17.87
CA ALA A 727 -34.18 -17.15 -17.06
C ALA A 727 -35.30 -18.18 -16.94
N GLY A 728 -34.97 -19.39 -16.50
CA GLY A 728 -35.96 -20.40 -16.24
C GLY A 728 -36.16 -21.43 -17.34
N ALA A 729 -35.36 -21.33 -18.39
CA ALA A 729 -35.40 -22.31 -19.48
C ALA A 729 -34.64 -23.58 -19.06
N TYR A 730 -33.93 -23.47 -17.94
CA TYR A 730 -33.17 -24.59 -17.39
C TYR A 730 -33.56 -24.85 -15.95
N ASP A 731 -33.19 -26.02 -15.46
CA ASP A 731 -33.34 -26.35 -14.04
C ASP A 731 -31.98 -26.45 -13.42
N THR A 732 -31.84 -25.98 -12.18
CA THR A 732 -30.59 -26.11 -11.46
C THR A 732 -30.77 -26.78 -10.11
N ALA A 733 -29.91 -27.76 -9.84
CA ALA A 733 -29.85 -28.39 -8.53
C ALA A 733 -29.10 -27.48 -7.59
N LEU A 734 -28.24 -26.64 -8.16
CA LEU A 734 -27.36 -25.77 -7.40
C LEU A 734 -28.03 -24.44 -7.06
N GLY A 735 -29.25 -24.25 -7.56
CA GLY A 735 -29.99 -23.03 -7.30
C GLY A 735 -29.53 -21.88 -8.17
N TYR A 736 -30.32 -20.81 -8.20
CA TYR A 736 -29.96 -19.62 -8.97
C TYR A 736 -28.90 -18.84 -8.22
N LEU A 737 -27.75 -18.63 -8.86
CA LEU A 737 -26.69 -17.87 -8.21
C LEU A 737 -27.09 -16.40 -8.07
N SER A 738 -26.91 -15.85 -6.88
CA SER A 738 -27.36 -14.51 -6.57
C SER A 738 -26.36 -13.47 -7.04
N ALA A 739 -26.66 -12.20 -6.75
CA ALA A 739 -25.81 -11.11 -7.15
C ALA A 739 -24.41 -11.25 -6.55
N ASP A 740 -24.35 -11.61 -5.27
CA ASP A 740 -23.07 -11.77 -4.59
C ASP A 740 -22.23 -12.88 -5.20
N GLU A 741 -22.87 -13.98 -5.58
CA GLU A 741 -22.16 -15.10 -6.17
C GLU A 741 -21.76 -14.78 -7.60
N LEU A 742 -22.53 -13.89 -8.23
CA LEU A 742 -22.21 -13.42 -9.57
C LEU A 742 -20.93 -12.58 -9.53
N ILE A 743 -20.85 -11.66 -8.58
CA ILE A 743 -19.67 -10.80 -8.41
C ILE A 743 -18.41 -11.60 -8.11
N GLU A 744 -18.49 -12.44 -7.09
CA GLU A 744 -17.36 -13.25 -6.65
C GLU A 744 -16.89 -14.25 -7.71
N GLY A 745 -17.84 -14.88 -8.40
CA GLY A 745 -17.52 -15.90 -9.37
C GLY A 745 -16.80 -15.41 -10.61
N ILE A 746 -17.21 -14.26 -11.13
CA ILE A 746 -16.60 -13.70 -12.33
C ILE A 746 -15.22 -13.12 -11.99
N SER A 747 -15.10 -12.51 -10.82
CA SER A 747 -13.82 -11.95 -10.37
C SER A 747 -12.78 -13.04 -10.26
N LEU A 748 -13.21 -14.21 -9.81
CA LEU A 748 -12.34 -15.37 -9.69
C LEU A 748 -11.89 -15.78 -11.09
N LEU A 749 -12.85 -15.85 -12.00
CA LEU A 749 -12.60 -16.17 -13.40
C LEU A 749 -11.64 -15.18 -14.01
N ALA A 750 -11.89 -13.89 -13.77
CA ALA A 750 -11.02 -12.82 -14.24
C ALA A 750 -9.61 -12.99 -13.68
N THR A 751 -9.53 -13.17 -12.36
CA THR A 751 -8.24 -13.28 -11.70
C THR A 751 -7.44 -14.49 -12.18
N VAL A 752 -8.10 -15.64 -12.27
CA VAL A 752 -7.42 -16.87 -12.68
C VAL A 752 -6.95 -16.77 -14.12
N LEU A 753 -7.81 -16.24 -14.99
CA LEU A 753 -7.43 -15.97 -16.37
C LEU A 753 -6.19 -15.08 -16.40
N ARG A 754 -6.25 -13.98 -15.66
CA ARG A 754 -5.16 -12.99 -15.65
C ARG A 754 -3.86 -13.58 -15.11
N ALA A 755 -3.97 -14.34 -14.02
CA ALA A 755 -2.82 -15.00 -13.43
C ALA A 755 -2.14 -15.95 -14.42
N GLU A 756 -2.93 -16.83 -15.04
CA GLU A 756 -2.41 -17.79 -16.00
C GLU A 756 -1.81 -17.10 -17.21
N THR A 757 -2.32 -15.93 -17.54
CA THR A 757 -1.76 -15.13 -18.62
C THR A 757 -0.35 -14.68 -18.27
N LEU A 758 -0.20 -14.11 -17.08
CA LEU A 758 1.09 -13.58 -16.65
C LEU A 758 2.14 -14.66 -16.43
N ARG A 759 1.69 -15.89 -16.18
CA ARG A 759 2.61 -17.01 -15.99
C ARG A 759 3.07 -17.57 -17.33
N SER A 760 2.35 -17.26 -18.40
CA SER A 760 2.62 -17.85 -19.71
C SER A 760 3.97 -17.43 -20.29
N SER A 761 4.57 -18.31 -21.06
CA SER A 761 5.87 -18.06 -21.66
C SER A 761 5.79 -18.08 -23.19
N LYS A 762 6.92 -17.83 -23.85
CA LYS A 762 6.97 -17.91 -25.31
C LYS A 762 7.24 -19.35 -25.72
N THR A 763 7.63 -20.18 -24.76
CA THR A 763 7.77 -21.61 -24.98
C THR A 763 6.52 -22.32 -24.50
N ASP A 764 5.74 -21.64 -23.67
CA ASP A 764 4.43 -22.14 -23.24
C ASP A 764 3.42 -21.01 -23.15
N PRO A 765 2.88 -20.58 -24.31
CA PRO A 765 1.81 -19.59 -24.30
C PRO A 765 0.47 -20.28 -24.14
N ASP A 766 -0.60 -19.62 -24.57
CA ASP A 766 -1.94 -20.21 -24.59
C ASP A 766 -2.42 -20.71 -23.23
N ARG A 767 -1.80 -20.23 -22.15
CA ARG A 767 -2.21 -20.60 -20.82
C ARG A 767 -3.56 -20.00 -20.49
N GLY A 768 -3.73 -18.73 -20.87
CA GLY A 768 -5.00 -18.06 -20.70
C GLY A 768 -6.04 -18.69 -21.61
N LEU A 769 -5.60 -19.08 -22.80
CA LEU A 769 -6.46 -19.75 -23.77
C LEU A 769 -7.06 -21.01 -23.18
N ARG A 770 -6.21 -21.85 -22.58
CA ARG A 770 -6.66 -23.10 -21.96
C ARG A 770 -7.73 -22.85 -20.90
N ILE A 771 -7.54 -21.80 -20.10
CA ILE A 771 -8.46 -21.49 -19.02
C ILE A 771 -9.81 -21.07 -19.59
N LEU A 772 -9.79 -20.34 -20.69
CA LEU A 772 -11.01 -19.92 -21.38
C LEU A 772 -11.84 -21.11 -21.86
N THR A 773 -11.18 -22.08 -22.47
CA THR A 773 -11.88 -23.23 -23.04
C THR A 773 -12.28 -24.24 -21.97
N GLU A 774 -11.50 -24.30 -20.89
CA GLU A 774 -11.84 -25.15 -19.76
C GLU A 774 -13.12 -24.67 -19.08
N ALA A 775 -13.33 -23.35 -19.10
CA ALA A 775 -14.53 -22.77 -18.54
C ALA A 775 -15.67 -22.78 -19.57
N SER A 776 -15.32 -23.07 -20.82
CA SER A 776 -16.29 -23.15 -21.91
C SER A 776 -16.52 -24.61 -22.33
N ARG A 777 -16.14 -25.53 -21.46
CA ARG A 777 -16.09 -26.94 -21.81
C ARG A 777 -17.42 -27.65 -21.53
N LEU A 778 -18.41 -26.87 -21.11
CA LEU A 778 -19.64 -27.47 -20.60
C LEU A 778 -20.86 -26.72 -21.11
N LEU A 779 -20.61 -25.69 -21.92
CA LEU A 779 -21.68 -24.82 -22.40
C LEU A 779 -22.39 -25.42 -23.60
N SER A 780 -23.32 -24.66 -24.17
CA SER A 780 -24.14 -25.14 -25.27
C SER A 780 -23.72 -24.52 -26.59
N ARG A 781 -24.31 -25.02 -27.66
CA ARG A 781 -24.43 -24.30 -28.93
C ARG A 781 -23.15 -23.66 -29.45
N GLY A 782 -22.01 -24.33 -29.24
CA GLY A 782 -20.72 -23.80 -29.66
C GLY A 782 -20.47 -22.43 -29.06
N ARG A 783 -20.92 -22.23 -27.83
CA ARG A 783 -20.81 -20.94 -27.18
C ARG A 783 -19.65 -20.92 -26.19
N ASP A 784 -19.02 -19.77 -26.04
CA ASP A 784 -17.88 -19.62 -25.14
C ASP A 784 -18.29 -18.98 -23.81
N ILE A 785 -17.40 -19.06 -22.82
CA ILE A 785 -17.58 -18.34 -21.57
C ILE A 785 -17.54 -16.84 -21.86
N MET A 786 -16.75 -16.48 -22.87
CA MET A 786 -16.69 -15.12 -23.39
C MET A 786 -18.08 -14.56 -23.69
N ASN A 787 -18.84 -15.30 -24.50
CA ASN A 787 -20.20 -14.90 -24.84
C ASN A 787 -21.11 -14.82 -23.63
N VAL A 788 -20.97 -15.78 -22.72
CA VAL A 788 -21.76 -15.81 -21.49
C VAL A 788 -21.55 -14.54 -20.66
N VAL A 789 -20.28 -14.16 -20.44
CA VAL A 789 -19.97 -12.98 -19.66
C VAL A 789 -20.42 -11.70 -20.36
N CYS A 790 -20.26 -11.68 -21.69
CA CYS A 790 -20.71 -10.56 -22.50
C CYS A 790 -22.23 -10.43 -22.51
N ASP A 791 -22.92 -11.57 -22.60
CA ASP A 791 -24.38 -11.56 -22.55
C ASP A 791 -24.84 -11.17 -21.14
N THR A 792 -24.14 -11.71 -20.15
CA THR A 792 -24.36 -11.34 -18.75
C THR A 792 -24.22 -9.83 -18.60
N LEU A 793 -23.13 -9.29 -19.13
CA LEU A 793 -22.86 -7.86 -19.11
C LEU A 793 -24.01 -7.03 -19.67
N ASP A 794 -24.48 -7.42 -20.86
CA ASP A 794 -25.58 -6.69 -21.50
C ASP A 794 -26.90 -6.89 -20.75
N SER A 795 -27.17 -8.12 -20.32
CA SER A 795 -28.41 -8.40 -19.62
C SER A 795 -28.40 -7.65 -18.30
N LEU A 796 -27.28 -7.76 -17.60
CA LEU A 796 -27.10 -7.10 -16.31
C LEU A 796 -27.43 -5.62 -16.39
N VAL A 797 -26.98 -4.98 -17.46
CA VAL A 797 -27.06 -3.52 -17.57
C VAL A 797 -28.45 -3.01 -17.98
N GLU A 798 -29.27 -3.89 -18.55
CA GLU A 798 -30.67 -3.57 -18.80
C GLU A 798 -31.41 -3.76 -17.48
N GLU A 799 -30.96 -4.74 -16.71
CA GLU A 799 -31.40 -4.95 -15.34
C GLU A 799 -30.85 -3.83 -14.48
N GLU A 800 -29.61 -3.44 -14.75
CA GLU A 800 -28.96 -2.33 -14.07
C GLU A 800 -29.41 -0.99 -14.67
N LEU A 801 -30.30 -1.05 -15.66
CA LEU A 801 -30.88 0.19 -16.15
C LEU A 801 -31.88 0.72 -15.11
N ALA A 802 -32.33 -0.18 -14.24
CA ALA A 802 -33.10 0.21 -13.05
C ALA A 802 -32.20 1.07 -12.16
N ASP A 803 -30.94 0.64 -12.07
CA ASP A 803 -29.83 1.47 -11.57
C ASP A 803 -29.70 1.66 -10.06
N LEU A 804 -30.58 1.04 -9.29
CA LEU A 804 -30.60 1.28 -7.85
C LEU A 804 -29.70 0.32 -7.07
N ASP A 805 -29.23 -0.74 -7.72
CA ASP A 805 -28.54 -1.81 -7.00
C ASP A 805 -27.02 -1.78 -7.09
N GLY A 806 -26.38 -1.76 -5.92
CA GLY A 806 -24.94 -1.89 -5.81
C GLY A 806 -24.38 -3.25 -6.21
N PRO A 807 -24.96 -4.35 -5.68
CA PRO A 807 -24.52 -5.70 -6.04
C PRO A 807 -24.48 -5.98 -7.54
N LYS A 808 -25.48 -5.52 -8.27
CA LYS A 808 -25.47 -5.65 -9.73
C LYS A 808 -24.37 -4.76 -10.32
N THR A 809 -24.26 -3.53 -9.82
CA THR A 809 -23.23 -2.59 -10.25
C THR A 809 -21.83 -3.17 -10.04
N ALA A 810 -21.66 -3.92 -8.95
CA ALA A 810 -20.39 -4.58 -8.68
C ALA A 810 -20.15 -5.70 -9.68
N ALA A 811 -21.23 -6.39 -10.05
CA ALA A 811 -21.16 -7.48 -11.02
C ALA A 811 -20.73 -6.96 -12.38
N LEU A 812 -21.14 -5.75 -12.72
CA LEU A 812 -20.65 -5.08 -13.93
C LEU A 812 -19.12 -4.91 -13.89
N SER A 813 -18.59 -4.51 -12.74
CA SER A 813 -17.15 -4.38 -12.57
C SER A 813 -16.45 -5.67 -12.93
N SER A 814 -16.96 -6.78 -12.41
CA SER A 814 -16.38 -8.09 -12.63
C SER A 814 -16.37 -8.47 -14.11
N CYS A 815 -17.45 -8.11 -14.81
CA CYS A 815 -17.55 -8.42 -16.23
C CYS A 815 -16.47 -7.65 -16.98
N LEU A 816 -16.31 -6.39 -16.64
CA LEU A 816 -15.28 -5.54 -17.25
C LEU A 816 -13.87 -6.04 -16.94
N GLN A 817 -13.68 -6.57 -15.73
CA GLN A 817 -12.40 -7.11 -15.32
C GLN A 817 -12.07 -8.39 -16.08
N PHE A 818 -13.09 -9.20 -16.33
CA PHE A 818 -12.92 -10.40 -17.14
C PHE A 818 -12.50 -10.01 -18.55
N LEU A 819 -13.23 -9.04 -19.12
CA LEU A 819 -12.94 -8.51 -20.44
C LEU A 819 -11.52 -7.96 -20.54
N HIS A 820 -11.08 -7.29 -19.48
CA HIS A 820 -9.72 -6.78 -19.39
C HIS A 820 -8.72 -7.92 -19.39
N ALA A 821 -8.99 -8.95 -18.61
CA ALA A 821 -8.11 -10.11 -18.52
C ALA A 821 -8.12 -10.91 -19.83
N ALA A 822 -9.24 -10.86 -20.54
CA ALA A 822 -9.42 -11.62 -21.78
C ALA A 822 -8.78 -10.95 -22.98
N LEU A 823 -8.51 -9.65 -22.86
CA LEU A 823 -7.94 -8.88 -23.95
C LEU A 823 -6.64 -9.45 -24.55
N PRO A 824 -5.64 -9.77 -23.69
CA PRO A 824 -4.39 -10.31 -24.26
C PRO A 824 -4.53 -11.66 -25.00
N VAL A 825 -5.44 -12.53 -24.58
CA VAL A 825 -5.55 -13.84 -25.20
C VAL A 825 -6.40 -13.84 -26.48
N CYS A 826 -7.51 -13.12 -26.46
CA CYS A 826 -8.35 -13.01 -27.64
C CYS A 826 -8.81 -11.57 -27.91
N PRO A 827 -7.88 -10.72 -28.41
CA PRO A 827 -8.13 -9.30 -28.64
C PRO A 827 -9.34 -9.05 -29.52
N GLY A 828 -9.40 -9.74 -30.67
CA GLY A 828 -10.47 -9.56 -31.63
C GLY A 828 -11.88 -9.70 -31.09
N ARG A 829 -12.10 -10.69 -30.23
CA ARG A 829 -13.40 -10.90 -29.62
C ARG A 829 -13.81 -9.71 -28.76
N VAL A 830 -12.88 -9.19 -27.97
CA VAL A 830 -13.14 -8.04 -27.09
C VAL A 830 -13.48 -6.78 -27.89
N TRP A 831 -12.70 -6.50 -28.93
CA TRP A 831 -12.98 -5.38 -29.81
C TRP A 831 -14.34 -5.53 -30.48
N ALA A 832 -14.62 -6.75 -30.96
CA ALA A 832 -15.88 -7.05 -31.62
C ALA A 832 -17.08 -6.80 -30.71
N TYR A 833 -16.94 -7.15 -29.44
CA TYR A 833 -18.03 -6.96 -28.49
C TYR A 833 -18.20 -5.50 -28.11
N MET A 834 -17.07 -4.80 -27.99
CA MET A 834 -17.10 -3.40 -27.58
C MET A 834 -17.86 -2.54 -28.58
N ALA A 835 -17.92 -2.99 -29.83
CA ALA A 835 -18.68 -2.30 -30.86
C ALA A 835 -20.17 -2.25 -30.52
N ARG A 836 -20.67 -3.33 -29.93
CA ARG A 836 -22.07 -3.40 -29.54
C ARG A 836 -22.28 -3.25 -28.03
N CYS A 837 -21.18 -3.10 -27.29
CA CYS A 837 -21.26 -2.94 -25.83
C CYS A 837 -22.06 -1.70 -25.46
N PRO A 838 -23.24 -1.91 -24.86
CA PRO A 838 -24.19 -0.82 -24.64
C PRO A 838 -23.65 0.26 -23.72
N LEU A 839 -22.70 -0.09 -22.87
CA LEU A 839 -22.10 0.87 -21.93
C LEU A 839 -21.55 2.13 -22.61
N ILE A 840 -20.92 1.96 -23.77
CA ILE A 840 -20.34 3.10 -24.48
C ILE A 840 -21.10 3.52 -25.73
N ASN A 841 -21.36 2.56 -26.63
CA ASN A 841 -21.75 2.87 -28.01
C ASN A 841 -22.77 4.02 -28.14
N THR A 842 -22.23 5.23 -28.00
CA THR A 842 -22.99 6.46 -28.23
C THR A 842 -23.60 6.29 -29.63
N ASP A 843 -22.74 5.98 -30.59
CA ASP A 843 -23.14 5.30 -31.83
C ASP A 843 -24.29 5.94 -32.61
N THR A 844 -25.35 5.17 -32.76
CA THR A 844 -26.50 5.52 -33.59
C THR A 844 -27.14 6.86 -33.19
N ARG A 845 -27.47 7.00 -31.92
CA ARG A 845 -28.08 8.24 -31.43
C ARG A 845 -27.85 8.41 -29.93
N SER A 846 -26.60 8.63 -29.56
CA SER A 846 -26.18 8.86 -28.18
C SER A 846 -26.59 7.77 -27.18
N GLY A 847 -26.39 6.51 -27.57
CA GLY A 847 -26.67 5.39 -26.68
C GLY A 847 -25.56 5.14 -25.68
N ARG A 848 -25.22 6.17 -24.92
CA ARG A 848 -24.14 6.09 -23.93
C ARG A 848 -24.66 5.72 -22.54
N LEU A 849 -24.47 4.46 -22.20
CA LEU A 849 -25.12 3.90 -21.05
C LEU A 849 -24.31 3.98 -19.75
N SER A 850 -22.98 3.83 -19.86
CA SER A 850 -22.08 3.95 -18.71
C SER A 850 -22.17 5.34 -18.08
N ARG A 851 -22.24 6.37 -18.92
CA ARG A 851 -22.38 7.74 -18.46
C ARG A 851 -23.63 7.93 -17.60
N ILE A 852 -24.77 7.49 -18.11
CA ILE A 852 -26.03 7.62 -17.36
C ILE A 852 -26.00 6.83 -16.06
N THR A 853 -25.57 5.58 -16.13
CA THR A 853 -25.58 4.67 -14.97
C THR A 853 -24.55 5.03 -13.89
N ALA A 854 -23.44 5.66 -14.29
CA ALA A 854 -22.39 6.00 -13.34
C ALA A 854 -22.62 7.38 -12.71
N ASN A 855 -22.80 8.40 -13.56
CA ASN A 855 -22.93 9.79 -13.11
C ASN A 855 -23.90 10.06 -11.94
N LEU A 856 -24.98 9.28 -11.88
CA LEU A 856 -26.05 9.46 -10.89
C LEU A 856 -25.54 9.71 -9.46
N ASP A 857 -24.56 8.91 -9.04
CA ASP A 857 -23.85 9.14 -7.78
C ASP A 857 -22.41 8.68 -7.95
N MET A 858 -21.53 9.01 -7.01
CA MET A 858 -20.13 8.68 -7.20
C MET A 858 -19.45 8.11 -5.95
N LEU A 859 -20.07 7.09 -5.36
CA LEU A 859 -19.49 6.44 -4.19
C LEU A 859 -19.61 4.92 -4.25
N ALA A 860 -18.76 4.24 -3.48
CA ALA A 860 -18.82 2.80 -3.31
C ALA A 860 -18.67 2.01 -4.61
N GLU A 861 -19.72 1.30 -4.99
CA GLU A 861 -19.68 0.41 -6.15
C GLU A 861 -19.66 1.17 -7.47
N ARG A 862 -20.25 2.36 -7.47
CA ARG A 862 -20.25 3.19 -8.68
C ARG A 862 -18.83 3.58 -9.08
N TYR A 863 -18.01 3.94 -8.10
CA TYR A 863 -16.61 4.28 -8.34
C TYR A 863 -15.84 3.10 -8.91
N ASP A 864 -16.07 1.93 -8.34
CA ASP A 864 -15.39 0.73 -8.77
C ASP A 864 -15.77 0.40 -10.20
N LEU A 865 -17.04 0.61 -10.52
CA LEU A 865 -17.53 0.40 -11.87
C LEU A 865 -16.84 1.34 -12.84
N LEU A 866 -16.90 2.64 -12.55
CA LEU A 866 -16.27 3.62 -13.42
C LEU A 866 -14.77 3.37 -13.58
N LEU A 867 -14.12 2.95 -12.51
CA LEU A 867 -12.69 2.65 -12.56
C LEU A 867 -12.40 1.47 -13.48
N SER A 868 -13.26 0.45 -13.41
CA SER A 868 -13.09 -0.73 -14.23
C SER A 868 -13.21 -0.39 -15.71
N ALA A 869 -14.20 0.43 -16.05
CA ALA A 869 -14.39 0.89 -17.41
C ALA A 869 -13.17 1.66 -17.92
N VAL A 870 -12.76 2.67 -17.15
CA VAL A 870 -11.59 3.47 -17.47
C VAL A 870 -10.36 2.59 -17.70
N LYS A 871 -10.13 1.67 -16.76
CA LYS A 871 -8.98 0.78 -16.85
C LYS A 871 -9.03 -0.08 -18.11
N LEU A 872 -10.23 -0.54 -18.45
CA LEU A 872 -10.43 -1.36 -19.65
C LEU A 872 -10.22 -0.54 -20.92
N PHE A 873 -10.78 0.67 -20.92
CA PHE A 873 -10.56 1.61 -22.03
C PHE A 873 -9.07 1.83 -22.26
N SER A 874 -8.33 2.03 -21.17
CA SER A 874 -6.89 2.24 -21.28
C SER A 874 -6.17 1.04 -21.90
N SER A 875 -6.58 -0.17 -21.54
CA SER A 875 -5.97 -1.35 -22.14
C SER A 875 -6.32 -1.48 -23.63
N LEU A 876 -7.50 -0.98 -24.00
CA LEU A 876 -7.94 -1.02 -25.39
C LEU A 876 -7.06 -0.17 -26.30
N VAL A 877 -6.80 1.07 -25.89
CA VAL A 877 -5.95 1.94 -26.70
C VAL A 877 -4.51 1.46 -26.67
N ASP A 878 -4.16 0.70 -25.63
CA ASP A 878 -2.84 0.07 -25.57
C ASP A 878 -2.78 -1.03 -26.61
N SER A 879 -3.91 -1.66 -26.86
CA SER A 879 -3.98 -2.80 -27.76
C SER A 879 -3.80 -2.37 -29.22
N ALA A 880 -4.17 -1.13 -29.52
CA ALA A 880 -4.03 -0.61 -30.87
C ALA A 880 -2.55 -0.33 -31.21
N LYS A 881 -1.77 0.04 -30.20
CA LYS A 881 -0.36 0.34 -30.41
C LYS A 881 0.45 -0.93 -30.70
N THR A 882 0.01 -2.06 -30.14
CA THR A 882 0.71 -3.32 -30.31
C THR A 882 0.11 -4.14 -31.46
N SER A 883 -1.05 -3.71 -31.92
CA SER A 883 -1.68 -4.29 -33.11
C SER A 883 -0.95 -3.78 -34.34
N ALA A 884 -0.25 -2.66 -34.18
CA ALA A 884 0.55 -2.07 -35.24
C ALA A 884 1.94 -2.70 -35.29
N VAL A 885 2.02 -3.98 -34.92
CA VAL A 885 3.28 -4.72 -34.94
C VAL A 885 3.08 -6.08 -35.59
N PRO A 903 -7.85 -15.24 -33.48
CA PRO A 903 -7.06 -14.54 -32.46
C PRO A 903 -7.25 -13.03 -32.52
N TRP A 904 -6.87 -12.41 -33.62
CA TRP A 904 -6.99 -10.97 -33.82
C TRP A 904 -8.10 -10.66 -34.83
N ILE A 905 -8.95 -11.64 -35.06
CA ILE A 905 -9.85 -11.65 -36.22
C ILE A 905 -11.03 -10.67 -36.14
N GLY A 906 -11.48 -10.34 -34.92
CA GLY A 906 -12.62 -9.45 -34.76
C GLY A 906 -12.31 -7.96 -34.81
N ALA A 907 -11.05 -7.61 -35.06
CA ALA A 907 -10.64 -6.21 -35.06
C ALA A 907 -10.42 -5.63 -36.47
N SER A 908 -11.25 -4.66 -36.84
CA SER A 908 -11.10 -3.98 -38.11
C SER A 908 -11.00 -2.48 -37.87
N ASP A 909 -10.45 -1.75 -38.86
CA ASP A 909 -10.31 -0.30 -38.76
C ASP A 909 -11.63 0.39 -38.42
N LYS A 910 -12.70 -0.12 -39.03
CA LYS A 910 -14.05 0.39 -38.80
C LYS A 910 -14.41 0.34 -37.31
N ILE A 911 -14.30 -0.85 -36.72
CA ILE A 911 -14.67 -1.07 -35.33
C ILE A 911 -13.76 -0.34 -34.35
N VAL A 912 -12.44 -0.48 -34.54
CA VAL A 912 -11.45 0.20 -33.71
C VAL A 912 -11.66 1.71 -33.66
N SER A 913 -12.24 2.26 -34.73
CA SER A 913 -12.49 3.69 -34.81
C SER A 913 -13.68 4.15 -33.95
N ARG A 914 -14.77 3.39 -33.99
CA ARG A 914 -15.95 3.77 -33.20
C ARG A 914 -15.76 3.47 -31.73
N VAL A 915 -15.10 2.35 -31.43
CA VAL A 915 -14.78 1.99 -30.05
C VAL A 915 -13.92 3.08 -29.42
N THR A 916 -12.78 3.39 -30.04
CA THR A 916 -11.86 4.39 -29.49
C THR A 916 -12.46 5.80 -29.50
N LEU A 917 -13.39 6.06 -30.41
CA LEU A 917 -14.06 7.36 -30.42
C LEU A 917 -14.97 7.48 -29.20
N SER A 918 -15.70 6.41 -28.91
CA SER A 918 -16.60 6.36 -27.76
C SER A 918 -15.78 6.51 -26.49
N ILE A 919 -14.66 5.81 -26.44
CA ILE A 919 -13.74 5.88 -25.31
C ILE A 919 -13.27 7.32 -25.06
N ALA A 920 -12.88 8.01 -26.14
CA ALA A 920 -12.48 9.41 -26.05
C ALA A 920 -13.64 10.26 -25.54
N GLN A 921 -14.81 10.06 -26.14
CA GLN A 921 -16.03 10.76 -25.74
C GLN A 921 -16.34 10.57 -24.26
N THR A 922 -16.29 9.32 -23.80
CA THR A 922 -16.52 9.01 -22.38
C THR A 922 -15.43 9.58 -21.47
N SER A 923 -14.17 9.40 -21.88
CA SER A 923 -13.04 9.90 -21.10
C SER A 923 -13.16 11.39 -20.81
N VAL A 924 -13.42 12.17 -21.86
CA VAL A 924 -13.58 13.62 -21.72
C VAL A 924 -14.74 13.94 -20.79
N ASP A 925 -15.81 13.17 -20.90
CA ASP A 925 -16.99 13.38 -20.08
C ASP A 925 -16.70 13.14 -18.60
N VAL A 926 -15.99 12.05 -18.32
CA VAL A 926 -15.59 11.73 -16.94
C VAL A 926 -14.65 12.80 -16.39
N PHE A 927 -13.55 13.04 -17.11
CA PHE A 927 -12.56 14.04 -16.75
C PHE A 927 -13.20 15.37 -16.36
N GLU A 928 -14.09 15.85 -17.22
CA GLU A 928 -14.79 17.11 -17.01
C GLU A 928 -15.66 17.06 -15.76
N ASN A 929 -16.36 15.95 -15.58
CA ASN A 929 -17.30 15.81 -14.47
C ASN A 929 -16.64 15.58 -13.12
N SER A 930 -15.40 15.11 -13.13
CA SER A 930 -14.65 14.82 -11.91
C SER A 930 -14.49 16.04 -11.03
N ALA A 931 -14.65 17.22 -11.63
CA ALA A 931 -14.54 18.49 -10.91
C ALA A 931 -15.59 18.59 -9.81
N THR A 932 -16.80 18.15 -10.11
CA THR A 932 -17.93 18.30 -9.20
C THR A 932 -18.18 17.04 -8.35
N TRP A 933 -17.62 15.92 -8.78
CA TRP A 933 -17.91 14.65 -8.13
C TRP A 933 -17.36 14.55 -6.71
N ARG A 934 -17.90 13.60 -5.96
CA ARG A 934 -17.44 13.31 -4.61
C ARG A 934 -16.95 11.88 -4.54
N PHE A 935 -15.64 11.71 -4.52
CA PHE A 935 -15.01 10.40 -4.52
C PHE A 935 -14.86 9.88 -3.09
N PRO A 936 -14.79 8.55 -2.92
CA PRO A 936 -14.59 7.92 -1.61
C PRO A 936 -13.38 8.48 -0.85
N SER A 937 -12.30 8.77 -1.58
CA SER A 937 -11.12 9.38 -1.01
C SER A 937 -10.32 10.09 -2.09
N GLU A 938 -9.44 10.99 -1.68
CA GLU A 938 -8.64 11.75 -2.62
C GLU A 938 -7.65 10.86 -3.37
N VAL A 939 -7.24 9.77 -2.72
CA VAL A 939 -6.39 8.78 -3.37
C VAL A 939 -7.16 8.15 -4.53
N ASP A 940 -8.43 7.87 -4.30
CA ASP A 940 -9.29 7.29 -5.33
C ASP A 940 -9.45 8.25 -6.51
N ARG A 941 -9.65 9.53 -6.21
CA ARG A 941 -9.74 10.54 -7.25
C ARG A 941 -8.44 10.57 -8.05
N SER A 942 -7.31 10.54 -7.35
CA SER A 942 -6.00 10.56 -7.99
C SER A 942 -5.78 9.40 -8.95
N VAL A 943 -6.35 8.25 -8.63
CA VAL A 943 -6.23 7.10 -9.53
C VAL A 943 -7.08 7.36 -10.76
N MET A 944 -8.30 7.82 -10.52
CA MET A 944 -9.23 8.12 -11.58
C MET A 944 -8.63 9.12 -12.56
N ILE A 945 -8.22 10.28 -12.06
CA ILE A 945 -7.69 11.34 -12.91
C ILE A 945 -6.44 10.90 -13.66
N ARG A 946 -5.50 10.24 -12.99
CA ARG A 946 -4.29 9.74 -13.64
C ARG A 946 -4.60 8.84 -14.83
N ASP A 947 -5.59 7.97 -14.67
CA ASP A 947 -5.89 6.98 -15.70
C ASP A 947 -6.78 7.51 -16.83
N VAL A 948 -7.68 8.44 -16.48
CA VAL A 948 -8.52 9.06 -17.50
C VAL A 948 -7.70 9.99 -18.38
N VAL A 949 -6.85 10.80 -17.75
CA VAL A 949 -5.99 11.71 -18.49
C VAL A 949 -4.97 10.91 -19.31
N GLY A 950 -4.51 9.81 -18.74
CA GLY A 950 -3.58 8.94 -19.44
C GLY A 950 -4.15 8.43 -20.75
N ILE A 951 -5.43 8.07 -20.75
CA ILE A 951 -6.11 7.59 -21.93
C ILE A 951 -6.09 8.64 -23.03
N MET A 952 -6.49 9.86 -22.68
CA MET A 952 -6.52 10.96 -23.64
C MET A 952 -5.12 11.28 -24.16
N HIS A 953 -4.13 11.18 -23.29
CA HIS A 953 -2.75 11.44 -23.69
C HIS A 953 -2.27 10.40 -24.69
N LYS A 954 -2.63 9.14 -24.47
CA LYS A 954 -2.22 8.05 -25.35
C LYS A 954 -2.89 8.15 -26.71
N LEU A 955 -4.11 8.68 -26.75
CA LEU A 955 -4.84 8.83 -28.00
C LEU A 955 -4.13 9.79 -28.96
N MET A 956 -3.65 10.91 -28.42
CA MET A 956 -2.96 11.88 -29.24
C MET A 956 -1.57 11.39 -29.63
N LEU A 957 -1.01 10.53 -28.78
CA LEU A 957 0.37 10.11 -28.94
C LEU A 957 0.50 8.89 -29.85
N TYR A 958 -0.59 8.16 -30.03
CA TYR A 958 -0.57 6.92 -30.82
C TYR A 958 -1.24 7.08 -32.18
N THR A 959 -1.73 8.29 -32.47
CA THR A 959 -2.55 8.53 -33.65
C THR A 959 -1.77 8.37 -34.95
N HIS A 960 -0.46 8.59 -34.89
CA HIS A 960 0.36 8.63 -36.08
C HIS A 960 0.96 7.26 -36.43
N SER A 961 0.77 6.28 -35.54
CA SER A 961 1.37 4.97 -35.73
C SER A 961 0.36 3.82 -35.80
N VAL A 962 -0.68 4.01 -36.62
CA VAL A 962 -1.68 2.96 -36.83
C VAL A 962 -1.99 2.82 -38.32
N LEU A 971 -4.08 9.41 -45.31
CA LEU A 971 -5.14 8.68 -44.64
C LEU A 971 -5.27 9.13 -43.19
N THR A 972 -6.49 9.14 -42.67
CA THR A 972 -6.76 9.59 -41.31
C THR A 972 -6.12 8.67 -40.26
N GLY A 973 -6.53 7.41 -40.27
CA GLY A 973 -6.04 6.45 -39.29
C GLY A 973 -7.12 6.13 -38.26
N PRO A 974 -7.19 4.87 -37.83
CA PRO A 974 -8.23 4.37 -36.92
C PRO A 974 -8.40 5.17 -35.63
N LEU A 975 -7.31 5.74 -35.11
CA LEU A 975 -7.38 6.49 -33.85
C LEU A 975 -7.69 7.97 -34.08
N ALA A 976 -7.59 8.41 -35.33
CA ALA A 976 -7.72 9.83 -35.67
C ALA A 976 -9.00 10.52 -35.18
N PRO A 977 -10.19 9.93 -35.41
CA PRO A 977 -11.39 10.62 -34.92
C PRO A 977 -11.39 10.78 -33.40
N ALA A 978 -10.87 9.78 -32.69
CA ALA A 978 -10.80 9.84 -31.23
C ALA A 978 -9.83 10.94 -30.80
N ALA A 979 -8.64 10.91 -31.37
CA ALA A 979 -7.62 11.91 -31.08
C ALA A 979 -8.11 13.32 -31.40
N ASP A 980 -8.84 13.45 -32.51
CA ASP A 980 -9.41 14.73 -32.90
C ASP A 980 -10.48 15.16 -31.89
N TYR A 981 -11.23 14.20 -31.37
CA TYR A 981 -12.26 14.50 -30.38
C TYR A 981 -11.66 15.12 -29.13
N VAL A 982 -10.53 14.57 -28.68
CA VAL A 982 -9.87 15.09 -27.49
C VAL A 982 -9.26 16.47 -27.75
N VAL A 983 -8.61 16.62 -28.90
CA VAL A 983 -7.99 17.89 -29.28
C VAL A 983 -9.03 19.00 -29.38
N GLU A 984 -10.13 18.72 -30.06
CA GLU A 984 -11.19 19.71 -30.23
C GLU A 984 -11.87 20.04 -28.89
N SER A 985 -11.93 19.07 -27.99
CA SER A 985 -12.53 19.26 -26.68
C SER A 985 -11.77 20.29 -25.84
N PHE A 986 -10.44 20.25 -25.89
CA PHE A 986 -9.62 21.14 -25.07
C PHE A 986 -9.24 22.47 -25.72
N LEU A 987 -9.26 22.52 -27.04
CA LEU A 987 -8.85 23.75 -27.73
C LEU A 987 -9.98 24.76 -27.90
N SER A 988 -11.22 24.27 -27.95
CA SER A 988 -12.39 25.16 -28.03
C SER A 988 -12.58 25.88 -26.70
N SER A 989 -12.55 27.21 -26.73
CA SER A 989 -12.73 28.01 -25.53
C SER A 989 -14.20 28.13 -25.15
N SER A 990 -15.04 27.33 -25.80
CA SER A 990 -16.45 27.26 -25.48
C SER A 990 -16.66 26.59 -24.12
N SER A 991 -15.66 25.82 -23.70
CA SER A 991 -15.71 25.12 -22.43
C SER A 991 -14.32 24.91 -21.85
N SER A 992 -13.30 25.41 -22.55
CA SER A 992 -11.92 25.27 -22.10
C SER A 992 -11.71 25.96 -20.76
N SER A 993 -12.45 27.05 -20.52
CA SER A 993 -12.35 27.79 -19.28
C SER A 993 -12.98 27.02 -18.11
N LEU A 994 -13.61 25.89 -18.43
CA LEU A 994 -14.24 25.04 -17.42
C LEU A 994 -13.55 23.68 -17.40
N ARG A 995 -12.90 23.35 -18.51
CA ARG A 995 -12.23 22.06 -18.69
C ARG A 995 -10.77 22.14 -18.24
N PHE A 996 -10.43 23.21 -17.52
CA PHE A 996 -9.07 23.37 -17.01
C PHE A 996 -9.04 23.08 -15.52
N GLN A 997 -10.20 23.21 -14.88
CA GLN A 997 -10.33 23.00 -13.45
C GLN A 997 -9.73 21.68 -12.91
N PRO A 998 -10.02 20.54 -13.58
CA PRO A 998 -9.42 19.29 -13.08
C PRO A 998 -7.90 19.30 -13.17
N LEU A 999 -7.36 19.99 -14.17
CA LEU A 999 -5.91 20.13 -14.32
C LEU A 999 -5.34 20.90 -13.13
N LEU A 1000 -6.04 21.97 -12.76
CA LEU A 1000 -5.60 22.81 -11.65
C LEU A 1000 -5.77 22.07 -10.33
N ALA A 1001 -6.78 21.22 -10.25
CA ALA A 1001 -7.03 20.44 -9.05
C ALA A 1001 -5.86 19.49 -8.78
N THR A 1002 -5.33 18.89 -9.84
CA THR A 1002 -4.15 18.06 -9.72
C THR A 1002 -2.97 18.89 -9.22
N LEU A 1003 -2.81 20.08 -9.79
CA LEU A 1003 -1.75 21.00 -9.40
C LEU A 1003 -1.78 21.30 -7.91
N LEU A 1004 -2.97 21.56 -7.37
CA LEU A 1004 -3.11 21.92 -5.97
C LEU A 1004 -3.06 20.69 -5.06
N ALA A 1005 -3.52 19.55 -5.55
CA ALA A 1005 -3.42 18.31 -4.79
C ALA A 1005 -1.97 17.97 -4.56
N ALA A 1006 -1.17 18.04 -5.62
CA ALA A 1006 0.25 17.76 -5.56
C ALA A 1006 0.97 18.70 -4.61
N PHE A 1007 0.53 19.95 -4.61
CA PHE A 1007 1.14 21.00 -3.78
C PHE A 1007 0.83 20.79 -2.31
N GLN A 1008 -0.12 19.90 -2.01
CA GLN A 1008 -0.55 19.67 -0.63
C GLN A 1008 -0.38 18.21 -0.22
N LEU A 1009 0.55 17.52 -0.85
CA LEU A 1009 0.90 16.17 -0.45
C LEU A 1009 1.66 16.26 0.87
N PRO A 1010 1.16 15.55 1.90
CA PRO A 1010 1.79 15.58 3.23
C PRO A 1010 3.26 15.18 3.18
N ASP A 1011 4.05 15.74 4.08
CA ASP A 1011 5.44 15.35 4.19
C ASP A 1011 5.56 14.12 5.08
N THR A 1012 5.44 12.94 4.48
CA THR A 1012 5.51 11.70 5.23
C THR A 1012 6.45 10.72 4.57
N THR A 1013 7.12 9.92 5.40
CA THR A 1013 8.00 8.89 4.90
C THR A 1013 7.32 7.53 4.89
N ILE A 1014 6.08 7.49 5.34
CA ILE A 1014 5.25 6.31 5.15
C ILE A 1014 4.12 6.66 4.18
N TYR A 1015 3.20 5.71 3.95
CA TYR A 1015 2.19 5.86 2.91
C TYR A 1015 2.84 6.24 1.60
N GLN A 1016 3.94 5.57 1.25
CA GLN A 1016 4.65 5.87 0.02
C GLN A 1016 3.80 5.60 -1.22
N ARG A 1017 2.94 4.59 -1.17
CA ARG A 1017 2.10 4.24 -2.30
C ARG A 1017 1.12 5.37 -2.58
N ARG A 1018 0.70 6.09 -1.55
CA ARG A 1018 -0.14 7.26 -1.73
C ARG A 1018 0.63 8.35 -2.47
N ALA A 1019 1.90 8.50 -2.12
CA ALA A 1019 2.74 9.54 -2.69
C ALA A 1019 3.13 9.24 -4.15
N GLN A 1020 3.37 7.96 -4.44
CA GLN A 1020 3.67 7.55 -5.81
C GLN A 1020 2.47 7.82 -6.73
N ILE A 1021 1.26 7.68 -6.18
CA ILE A 1021 0.04 7.84 -6.97
C ILE A 1021 -0.27 9.30 -7.29
N VAL A 1022 -0.15 10.18 -6.29
CA VAL A 1022 -0.33 11.61 -6.51
C VAL A 1022 0.74 12.12 -7.47
N SER A 1023 1.94 11.58 -7.34
CA SER A 1023 3.05 11.92 -8.22
C SER A 1023 2.76 11.47 -9.65
N GLU A 1024 2.10 10.33 -9.81
CA GLU A 1024 1.79 9.83 -11.15
C GLU A 1024 0.62 10.62 -11.76
N ARG A 1025 -0.28 11.10 -10.91
CA ARG A 1025 -1.37 11.94 -11.35
C ARG A 1025 -0.85 13.31 -11.81
N LEU A 1026 0.08 13.87 -11.06
CA LEU A 1026 0.71 15.14 -11.41
C LEU A 1026 1.47 15.05 -12.72
N THR A 1027 2.39 14.09 -12.77
CA THR A 1027 3.21 13.86 -13.96
C THR A 1027 2.38 13.65 -15.22
N THR A 1028 1.32 12.85 -15.11
CA THR A 1028 0.49 12.53 -16.25
C THR A 1028 -0.26 13.78 -16.76
N VAL A 1029 -0.74 14.60 -15.83
CA VAL A 1029 -1.44 15.84 -16.19
C VAL A 1029 -0.50 16.87 -16.80
N LEU A 1030 0.66 17.06 -16.17
CA LEU A 1030 1.68 17.96 -16.70
C LEU A 1030 2.08 17.57 -18.12
N GLU A 1031 2.34 16.29 -18.34
CA GLU A 1031 2.76 15.83 -19.66
C GLU A 1031 1.62 15.93 -20.67
N PHE A 1032 0.39 15.81 -20.19
CA PHE A 1032 -0.76 15.97 -21.04
C PHE A 1032 -0.91 17.44 -21.46
N ALA A 1033 -0.62 18.34 -20.53
CA ALA A 1033 -0.68 19.76 -20.83
C ALA A 1033 0.36 20.13 -21.89
N THR A 1034 1.56 19.57 -21.76
CA THR A 1034 2.61 19.86 -22.73
C THR A 1034 2.24 19.42 -24.14
N ILE A 1035 1.63 18.23 -24.26
CA ILE A 1035 1.22 17.73 -25.57
C ILE A 1035 0.12 18.62 -26.16
N LEU A 1036 -0.71 19.21 -25.30
CA LEU A 1036 -1.76 20.12 -25.74
C LEU A 1036 -1.19 21.38 -26.35
N LEU A 1037 -0.26 22.02 -25.63
CA LEU A 1037 0.39 23.23 -26.09
C LEU A 1037 1.09 23.03 -27.42
N ARG A 1038 1.78 21.89 -27.55
CA ARG A 1038 2.48 21.57 -28.78
C ARG A 1038 1.53 21.40 -29.95
N VAL A 1039 0.51 20.57 -29.78
CA VAL A 1039 -0.50 20.35 -30.81
C VAL A 1039 -1.26 21.63 -31.16
N ALA A 1040 -1.56 22.44 -30.16
CA ALA A 1040 -2.26 23.71 -30.40
C ALA A 1040 -1.44 24.65 -31.28
N ASP A 1041 -0.16 24.82 -30.95
CA ASP A 1041 0.75 25.58 -31.80
C ASP A 1041 0.87 24.92 -33.16
N TYR A 1042 0.87 23.59 -33.16
CA TYR A 1042 1.14 22.79 -34.37
C TYR A 1042 0.08 22.98 -35.44
N LEU A 1043 -1.16 23.25 -35.03
CA LEU A 1043 -2.21 23.55 -35.99
C LEU A 1043 -2.73 24.97 -35.85
N ASN A 1044 -1.91 25.81 -35.20
CA ASN A 1044 -2.13 27.25 -35.09
C ASN A 1044 -3.47 27.73 -34.50
N LYS A 1045 -4.41 26.81 -34.29
CA LYS A 1045 -5.63 27.15 -33.56
C LYS A 1045 -5.27 27.31 -32.08
N ALA A 1046 -6.28 27.62 -31.27
CA ALA A 1046 -6.10 27.77 -29.83
C ALA A 1046 -5.04 28.80 -29.45
N SER A 1047 -3.89 28.33 -28.98
CA SER A 1047 -2.98 29.15 -28.20
C SER A 1047 -3.81 29.74 -27.08
N ALA A 1048 -4.26 30.98 -27.27
CA ALA A 1048 -5.30 31.63 -26.47
C ALA A 1048 -5.41 31.25 -25.00
N GLY A 1049 -6.52 30.61 -24.65
CA GLY A 1049 -6.88 30.34 -23.27
C GLY A 1049 -6.05 29.32 -22.51
N ILE A 1050 -5.79 28.17 -23.13
CA ILE A 1050 -5.07 27.09 -22.44
C ILE A 1050 -3.66 27.51 -22.05
N GLN A 1051 -3.03 28.30 -22.91
CA GLN A 1051 -1.70 28.84 -22.64
C GLN A 1051 -1.80 29.89 -21.55
N THR A 1052 -2.83 30.72 -21.64
CA THR A 1052 -3.10 31.75 -20.65
C THR A 1052 -3.35 31.13 -19.26
N GLN A 1053 -4.18 30.10 -19.23
CA GLN A 1053 -4.53 29.47 -17.96
C GLN A 1053 -3.30 28.87 -17.29
N LEU A 1054 -2.38 28.34 -18.09
CA LEU A 1054 -1.13 27.79 -17.56
C LEU A 1054 -0.25 28.88 -16.95
N PHE A 1055 -0.25 30.06 -17.56
CA PHE A 1055 0.46 31.20 -17.00
C PHE A 1055 -0.16 31.64 -15.68
N LYS A 1056 -1.49 31.65 -15.63
CA LYS A 1056 -2.19 31.99 -14.40
C LYS A 1056 -1.85 30.99 -13.32
N SER A 1057 -1.51 29.77 -13.75
CA SER A 1057 -1.19 28.67 -12.84
C SER A 1057 0.31 28.52 -12.58
N ALA A 1058 1.12 29.29 -13.30
CA ALA A 1058 2.59 29.19 -13.19
C ALA A 1058 3.11 29.36 -11.76
N CYS A 1059 2.40 30.13 -10.94
CA CYS A 1059 2.79 30.34 -9.55
C CYS A 1059 2.74 29.03 -8.75
N VAL A 1060 1.76 28.19 -9.04
CA VAL A 1060 1.66 26.90 -8.38
C VAL A 1060 2.65 25.91 -9.01
N ILE A 1061 2.70 25.89 -10.34
CA ILE A 1061 3.57 24.97 -11.07
C ILE A 1061 5.04 25.11 -10.68
N ALA A 1062 5.52 26.35 -10.56
CA ALA A 1062 6.92 26.58 -10.26
C ALA A 1062 7.28 26.20 -8.83
N ARG A 1063 6.28 26.17 -7.95
CA ARG A 1063 6.52 25.81 -6.55
C ARG A 1063 6.60 24.30 -6.35
N LEU A 1064 6.06 23.55 -7.30
CA LEU A 1064 6.08 22.08 -7.26
C LEU A 1064 7.43 21.42 -7.05
N PRO A 1065 8.49 21.87 -7.76
CA PRO A 1065 9.80 21.23 -7.59
C PRO A 1065 10.35 21.29 -6.17
N ALA A 1066 9.76 22.11 -5.30
CA ALA A 1066 10.24 22.19 -3.92
C ALA A 1066 9.40 21.32 -2.99
N ILE A 1067 8.47 20.57 -3.56
CA ILE A 1067 7.60 19.69 -2.78
C ILE A 1067 8.09 18.24 -2.82
N ARG A 1068 8.58 17.82 -3.98
CA ARG A 1068 9.08 16.46 -4.14
C ARG A 1068 10.01 16.39 -5.35
N HIS A 1069 11.04 15.54 -5.25
CA HIS A 1069 12.02 15.38 -6.32
C HIS A 1069 11.38 14.94 -7.63
N SER A 1070 10.45 13.99 -7.53
CA SER A 1070 9.80 13.44 -8.71
C SER A 1070 8.94 14.47 -9.44
N PHE A 1071 8.64 15.58 -8.76
CA PHE A 1071 7.87 16.66 -9.37
C PHE A 1071 8.74 17.54 -10.26
N ARG A 1072 10.04 17.60 -9.95
CA ARG A 1072 10.97 18.57 -10.54
C ARG A 1072 10.97 18.61 -12.06
N ILE A 1073 11.42 17.53 -12.69
CA ILE A 1073 11.50 17.47 -14.15
C ILE A 1073 10.17 17.67 -14.89
N PRO A 1074 9.08 17.00 -14.47
CA PRO A 1074 7.82 17.27 -15.20
C PRO A 1074 7.34 18.72 -15.09
N ALA A 1075 7.52 19.34 -13.93
CA ALA A 1075 7.14 20.74 -13.76
C ALA A 1075 7.96 21.67 -14.64
N ILE A 1076 9.27 21.54 -14.57
CA ILE A 1076 10.18 22.36 -15.36
C ILE A 1076 9.95 22.13 -16.85
N SER A 1077 9.74 20.87 -17.23
CA SER A 1077 9.50 20.52 -18.62
C SER A 1077 8.30 21.26 -19.16
N LEU A 1078 7.26 21.35 -18.34
CA LEU A 1078 6.03 22.05 -18.72
C LEU A 1078 6.27 23.53 -18.94
N LEU A 1079 6.91 24.20 -17.97
CA LEU A 1079 7.22 25.62 -18.07
C LEU A 1079 8.02 25.94 -19.33
N SER A 1080 8.92 25.03 -19.70
CA SER A 1080 9.70 25.18 -20.93
C SER A 1080 8.77 25.12 -22.14
N ALA A 1081 7.79 24.21 -22.10
CA ALA A 1081 6.88 24.05 -23.21
C ALA A 1081 5.95 25.26 -23.29
N LEU A 1082 5.66 25.83 -22.13
CA LEU A 1082 4.85 27.05 -22.04
C LEU A 1082 5.58 28.25 -22.66
N VAL A 1083 6.83 28.45 -22.25
CA VAL A 1083 7.67 29.51 -22.77
C VAL A 1083 7.88 29.38 -24.28
N GLU A 1084 8.09 28.15 -24.75
CA GLU A 1084 8.30 27.92 -26.17
C GLU A 1084 7.05 28.23 -26.98
N SER A 1085 5.89 27.92 -26.42
CA SER A 1085 4.61 28.22 -27.06
C SER A 1085 4.36 29.71 -27.15
N ALA A 1086 4.62 30.42 -26.05
CA ALA A 1086 4.44 31.86 -26.01
C ALA A 1086 5.31 32.57 -27.04
N GLY A 1087 6.49 32.03 -27.29
CA GLY A 1087 7.40 32.57 -28.28
C GLY A 1087 6.90 32.38 -29.69
N LYS A 1088 5.88 31.54 -29.85
CA LYS A 1088 5.28 31.28 -31.15
C LYS A 1088 4.00 32.09 -31.38
N SER A 1089 3.68 32.97 -30.42
CA SER A 1089 2.52 33.84 -30.55
C SER A 1089 2.86 35.16 -31.25
N SER A 1090 2.03 35.56 -32.19
CA SER A 1090 2.30 36.68 -33.09
C SER A 1090 2.73 38.01 -32.44
N GLY A 1091 2.45 38.18 -31.15
CA GLY A 1091 2.78 39.42 -30.47
C GLY A 1091 4.00 39.33 -29.57
N GLU A 1092 3.87 39.90 -28.37
CA GLU A 1092 4.91 39.83 -27.35
C GLU A 1092 4.47 38.89 -26.23
N PRO A 1093 5.29 37.87 -25.94
CA PRO A 1093 4.94 36.81 -24.99
C PRO A 1093 4.79 37.31 -23.56
N PRO A 1094 3.78 36.78 -22.84
CA PRO A 1094 3.55 37.07 -21.42
C PRO A 1094 4.80 36.79 -20.60
N SER A 1095 5.17 37.72 -19.72
CA SER A 1095 6.35 37.52 -18.88
C SER A 1095 6.12 36.42 -17.83
N LEU A 1096 7.01 35.45 -17.80
CA LEU A 1096 6.94 34.38 -16.81
C LEU A 1096 7.38 34.93 -15.45
N LEU A 1097 8.43 35.74 -15.46
CA LEU A 1097 8.88 36.42 -14.25
C LEU A 1097 7.75 37.31 -13.73
N GLY A 1098 7.01 37.92 -14.66
CA GLY A 1098 5.88 38.74 -14.30
C GLY A 1098 4.85 38.01 -13.46
N TYR A 1099 4.52 36.78 -13.83
CA TYR A 1099 3.53 36.00 -13.10
C TYR A 1099 4.05 35.46 -11.78
N LEU A 1100 5.25 34.90 -11.79
CA LEU A 1100 5.82 34.31 -10.59
C LEU A 1100 6.20 35.38 -9.57
N GLY A 1101 6.58 36.56 -10.07
CA GLY A 1101 7.10 37.61 -9.23
C GLY A 1101 8.61 37.54 -9.16
N PRO A 1102 9.26 38.62 -8.71
CA PRO A 1102 10.72 38.67 -8.62
C PRO A 1102 11.31 37.59 -7.72
N GLN A 1103 10.88 37.54 -6.47
CA GLN A 1103 11.48 36.64 -5.48
C GLN A 1103 11.30 35.16 -5.79
N VAL A 1104 10.07 34.77 -6.12
CA VAL A 1104 9.78 33.38 -6.49
C VAL A 1104 10.67 32.94 -7.66
N SER A 1105 10.86 33.84 -8.62
CA SER A 1105 11.68 33.55 -9.78
C SER A 1105 13.14 33.33 -9.40
N ARG A 1106 13.65 34.19 -8.52
CA ARG A 1106 15.01 34.04 -8.01
C ARG A 1106 15.18 32.68 -7.34
N SER A 1107 14.19 32.29 -6.52
CA SER A 1107 14.26 31.01 -5.82
C SER A 1107 14.15 29.82 -6.78
N PHE A 1108 13.28 29.96 -7.78
CA PHE A 1108 13.09 28.91 -8.77
C PHE A 1108 14.35 28.64 -9.60
N ILE A 1109 14.95 29.71 -10.11
CA ILE A 1109 16.16 29.59 -10.92
C ILE A 1109 17.30 28.97 -10.11
N GLN A 1110 17.42 29.40 -8.85
CA GLN A 1110 18.38 28.83 -7.91
C GLN A 1110 18.25 27.31 -7.82
N ILE A 1111 17.02 26.83 -7.71
CA ILE A 1111 16.72 25.40 -7.61
C ILE A 1111 17.05 24.63 -8.90
N ALA A 1112 16.88 25.28 -10.06
CA ALA A 1112 17.29 24.69 -11.33
C ALA A 1112 18.80 24.48 -11.39
N ALA A 1113 19.56 25.25 -10.62
CA ALA A 1113 20.98 24.97 -10.42
C ALA A 1113 21.18 23.93 -9.30
N GLN A 1114 20.36 24.03 -8.25
CA GLN A 1114 20.36 23.04 -7.18
C GLN A 1114 19.81 21.69 -7.66
N LEU A 1115 19.20 21.72 -8.84
CA LEU A 1115 18.67 20.51 -9.48
C LEU A 1115 19.85 19.65 -9.92
N ASP A 1116 20.83 20.31 -10.52
CA ASP A 1116 22.02 19.67 -11.04
C ASP A 1116 22.84 19.01 -9.93
N LYS A 1117 22.87 19.66 -8.77
CA LYS A 1117 23.89 19.40 -7.75
C LYS A 1117 23.87 18.08 -6.98
N PRO A 1118 22.77 17.77 -6.26
CA PRO A 1118 22.89 16.81 -5.14
C PRO A 1118 23.23 15.36 -5.52
N PHE A 1119 22.52 14.82 -6.50
CA PHE A 1119 22.69 13.41 -6.90
C PHE A 1119 23.43 13.23 -8.23
N ASP A 1120 23.69 14.33 -8.94
CA ASP A 1120 24.42 14.31 -10.21
C ASP A 1120 23.72 13.56 -11.35
N ARG A 1121 22.39 13.43 -11.27
CA ARG A 1121 21.64 12.71 -12.31
C ARG A 1121 21.67 13.42 -13.66
N VAL A 1122 21.98 12.68 -14.71
CA VAL A 1122 22.06 13.19 -16.06
C VAL A 1122 20.75 13.84 -16.50
N ALA A 1123 19.63 13.23 -16.09
CA ALA A 1123 18.32 13.73 -16.47
C ALA A 1123 18.05 15.12 -15.88
N GLU A 1124 18.45 15.32 -14.63
CA GLU A 1124 18.26 16.60 -13.96
C GLU A 1124 19.02 17.70 -14.68
N VAL A 1125 20.25 17.40 -15.08
CA VAL A 1125 21.09 18.35 -15.77
C VAL A 1125 20.47 18.77 -17.12
N ALA A 1126 19.94 17.80 -17.84
CA ALA A 1126 19.34 18.04 -19.15
C ALA A 1126 18.08 18.92 -19.10
N SER A 1127 17.35 18.87 -17.99
CA SER A 1127 16.12 19.64 -17.88
C SER A 1127 16.41 21.09 -17.51
N THR A 1128 17.41 21.31 -16.68
CA THR A 1128 17.88 22.65 -16.39
C THR A 1128 18.41 23.29 -17.67
N TRP A 1129 19.17 22.52 -18.43
CA TRP A 1129 19.72 22.99 -19.69
C TRP A 1129 18.63 23.32 -20.70
N ARG A 1130 17.60 22.48 -20.77
CA ARG A 1130 16.50 22.70 -21.70
C ARG A 1130 15.72 23.95 -21.28
N PHE A 1131 15.53 24.12 -19.98
CA PHE A 1131 14.77 25.26 -19.48
C PHE A 1131 15.50 26.56 -19.75
N PHE A 1132 16.77 26.62 -19.39
CA PHE A 1132 17.58 27.81 -19.59
C PHE A 1132 17.73 28.14 -21.07
N SER A 1133 17.94 27.12 -21.89
CA SER A 1133 18.04 27.33 -23.33
C SER A 1133 16.78 27.99 -23.91
N THR A 1134 15.61 27.52 -23.52
CA THR A 1134 14.37 28.05 -24.09
C THR A 1134 14.07 29.46 -23.59
N ILE A 1135 14.50 29.75 -22.36
CA ILE A 1135 14.35 31.08 -21.78
C ILE A 1135 15.16 32.10 -22.58
N LEU A 1136 16.38 31.70 -22.94
CA LEU A 1136 17.29 32.57 -23.69
C LEU A 1136 16.93 32.71 -25.18
N ARG A 1137 16.08 31.82 -25.67
CA ARG A 1137 15.74 31.81 -27.08
C ARG A 1137 14.34 32.33 -27.38
N ASN A 1138 13.57 32.67 -26.34
CA ASN A 1138 12.16 32.99 -26.53
C ASN A 1138 11.67 34.32 -25.93
N ARG A 1139 12.59 35.28 -25.82
CA ARG A 1139 12.23 36.64 -25.42
C ARG A 1139 11.55 36.71 -24.05
N GLN A 1140 12.25 36.22 -23.04
CA GLN A 1140 11.83 36.34 -21.66
C GLN A 1140 12.95 37.06 -20.94
N GLN A 1141 13.28 38.25 -21.44
CA GLN A 1141 14.45 39.01 -21.03
C GLN A 1141 14.58 39.19 -19.53
N TRP A 1142 13.46 39.45 -18.85
CA TRP A 1142 13.47 39.61 -17.40
C TRP A 1142 13.96 38.33 -16.74
N MET A 1143 13.40 37.20 -17.15
CA MET A 1143 13.86 35.90 -16.66
C MET A 1143 15.31 35.62 -17.08
N ALA A 1144 15.64 35.98 -18.32
CA ALA A 1144 16.98 35.77 -18.86
C ALA A 1144 18.04 36.47 -18.02
N ASN A 1145 17.75 37.69 -17.60
CA ASN A 1145 18.69 38.44 -16.78
C ASN A 1145 18.77 37.86 -15.37
N CYS A 1146 17.63 37.41 -14.87
CA CYS A 1146 17.57 36.76 -13.57
C CYS A 1146 18.42 35.50 -13.54
N LEU A 1147 18.51 34.82 -14.68
CA LEU A 1147 19.36 33.64 -14.83
C LEU A 1147 20.82 33.88 -14.44
N LEU A 1148 21.27 35.13 -14.58
CA LEU A 1148 22.68 35.45 -14.38
C LEU A 1148 22.99 36.24 -13.10
N THR A 1149 21.96 36.55 -12.31
CA THR A 1149 22.16 37.35 -11.10
C THR A 1149 22.06 36.50 -9.83
#